data_6Q2T
#
_entry.id   6Q2T
#
_cell.length_a   117.664
_cell.length_b   117.664
_cell.length_c   157.842
_cell.angle_alpha   90.000
_cell.angle_beta   90.000
_cell.angle_gamma   90.000
#
_symmetry.space_group_name_H-M   'I 4'
#
loop_
_entity.id
_entity.type
_entity.pdbx_description
1 polymer 'Lanosterol 14-alpha demethylase'
2 non-polymer 'PROTOPORPHYRIN IX CONTAINING FE'
3 non-polymer "N-[(1R)-1-(3-chloro-4'-fluoro[1,1'-biphenyl]-4-yl)-2-(1H-imidazol-1-yl)ethyl]-4-{5-[3-fluoro-5-(5-fluoropyrimidin-4-yl)phenyl]-1,3,4-oxadiazol-2-yl}benzamide"
4 non-polymer '(3ALPHA,5BETA,12ALPHA)-3,12-DIHYDROXYCHOLAN-24-OIC ACID'
5 water water
#
_entity_poly.entity_id   1
_entity_poly.type   'polypeptide(L)'
_entity_poly.pdbx_seq_one_letter_code
;GKLPPYIFSPIPFLGHAIAFGKSPIEFLENAYEKYGPVFSFTMVGKTFTYLLGSDAAALLFNSKNEDLNAEDVYSRLTTP
VFGKGVAYDVPNPVFLEQKKMLKSGLNIAHFKQHVSIIEKETKEYFESWGESGEKNVFEALSELIILTASHCLHGKEIRS
QLNEKVAQLYADLDGGFSHAAWLLPGWLPLPSFRRRDRAHREIKDIFYKAIQKRRQSQEKIDDILQTLLDATYKDGRPLT
DDEVAGMLIGLLLAGQHTSSTTSAWMGFFLARDKTLQKKCYLEQKTVCGENLPPLTYDQLKDLNLLDRCIKETLRLRPPI
MIMMRMARTPQTVAGYTIPPGHQVCVSPTVNQRLKDSWVERLDFNPDRYLQDNPASGEKFAYVPFGAGRHRCIGENFAYV
QIKTIWSTMLRLYEFDLIDGYFPTVNYTTMIHTPENPVIRYKRRSK
;
_entity_poly.pdbx_strand_id   A,B
#
loop_
_chem_comp.id
_chem_comp.type
_chem_comp.name
_chem_comp.formula
DXC non-polymer '(3ALPHA,5BETA,12ALPHA)-3,12-DIHYDROXYCHOLAN-24-OIC ACID' 'C24 H40 O4'
HEM non-polymer 'PROTOPORPHYRIN IX CONTAINING FE' 'C34 H32 Fe N4 O4'
PJM non-polymer N-[(1R)-1-(3-chloro-4'-fluoro[1,1'-biphenyl]-4-yl)-2-(1H-imidazol-1-yl)ethyl]-4-{5-[3-fluoro-5-(5-fluoropyrimidin-4-yl)phenyl]-1,3,4-oxadiazol-2-yl}benzamide 'C36 H23 Cl F3 N7 O2'
#
# COMPACT_ATOMS: atom_id res chain seq x y z
N GLY A 1 -0.25 36.00 -5.04
CA GLY A 1 -0.68 35.04 -6.10
C GLY A 1 0.37 34.90 -7.19
N LYS A 2 1.55 34.36 -6.84
CA LYS A 2 2.70 34.20 -7.76
C LYS A 2 2.49 32.97 -8.66
N LEU A 3 2.83 33.09 -9.95
CA LEU A 3 2.85 31.98 -10.93
C LEU A 3 3.98 31.02 -10.56
N PRO A 4 4.02 29.80 -11.13
CA PRO A 4 5.14 28.88 -10.92
C PRO A 4 6.38 29.28 -11.74
N PRO A 5 7.57 28.75 -11.41
CA PRO A 5 8.77 29.03 -12.19
C PRO A 5 8.61 28.58 -13.65
N TYR A 6 9.14 29.37 -14.59
CA TYR A 6 9.06 29.10 -16.05
C TYR A 6 10.47 28.82 -16.58
N ILE A 7 10.69 27.62 -17.11
CA ILE A 7 11.98 27.21 -17.74
C ILE A 7 12.07 27.87 -19.11
N PHE A 8 12.78 29.00 -19.19
CA PHE A 8 12.88 29.86 -20.41
C PHE A 8 13.25 28.99 -21.62
N SER A 9 12.51 29.18 -22.71
CA SER A 9 12.73 28.51 -24.02
C SER A 9 14.15 28.82 -24.52
N PRO A 10 14.96 27.79 -24.81
CA PRO A 10 16.23 27.99 -25.52
C PRO A 10 16.00 28.45 -26.97
N ILE A 11 14.95 27.92 -27.60
CA ILE A 11 14.54 28.23 -29.00
C ILE A 11 13.19 28.95 -28.98
N PRO A 12 13.02 30.01 -29.80
CA PRO A 12 11.89 30.92 -29.63
C PRO A 12 10.48 30.30 -29.65
N PHE A 13 10.08 29.64 -30.74
CA PHE A 13 8.72 29.06 -30.88
C PHE A 13 8.73 27.61 -30.38
N LEU A 14 9.75 26.85 -30.77
CA LEU A 14 9.86 25.39 -30.51
C LEU A 14 10.01 25.14 -29.01
N GLY A 15 10.58 26.11 -28.28
CA GLY A 15 10.91 25.98 -26.86
C GLY A 15 11.76 24.75 -26.59
N HIS A 16 11.30 23.84 -25.73
CA HIS A 16 12.04 22.64 -25.28
C HIS A 16 11.48 21.38 -25.97
N ALA A 17 10.75 21.54 -27.08
CA ALA A 17 10.07 20.45 -27.81
C ALA A 17 11.10 19.42 -28.27
N ILE A 18 12.20 19.87 -28.88
CA ILE A 18 13.29 18.99 -29.39
C ILE A 18 13.83 18.15 -28.23
N ALA A 19 14.31 18.82 -27.18
CA ALA A 19 14.96 18.19 -26.00
C ALA A 19 14.00 17.18 -25.37
N PHE A 20 12.72 17.56 -25.19
CA PHE A 20 11.68 16.74 -24.52
C PHE A 20 11.43 15.46 -25.31
N GLY A 21 11.43 15.56 -26.65
CA GLY A 21 11.01 14.48 -27.57
C GLY A 21 11.98 13.31 -27.55
N LYS A 22 13.25 13.56 -27.23
CA LYS A 22 14.33 12.53 -27.20
C LYS A 22 14.18 11.68 -25.94
N SER A 23 14.28 12.29 -24.76
CA SER A 23 14.02 11.65 -23.45
C SER A 23 13.13 12.56 -22.59
N PRO A 24 11.79 12.37 -22.65
CA PRO A 24 10.87 13.20 -21.87
C PRO A 24 10.97 12.95 -20.36
N ILE A 25 11.20 11.70 -19.97
CA ILE A 25 11.41 11.28 -18.55
C ILE A 25 12.61 12.06 -18.00
N GLU A 26 13.79 11.78 -18.58
CA GLU A 26 15.09 12.42 -18.24
C GLU A 26 14.87 13.93 -18.09
N PHE A 27 14.20 14.54 -19.08
CA PHE A 27 13.89 16.00 -19.12
C PHE A 27 13.17 16.38 -17.81
N LEU A 28 12.05 15.73 -17.54
CA LEU A 28 11.17 16.01 -16.36
C LEU A 28 11.95 15.74 -15.06
N GLU A 29 12.85 14.76 -15.07
CA GLU A 29 13.66 14.37 -13.89
C GLU A 29 14.63 15.51 -13.55
N ASN A 30 15.35 16.02 -14.55
CA ASN A 30 16.26 17.18 -14.41
C ASN A 30 15.44 18.40 -13.94
N ALA A 31 14.27 18.60 -14.56
CA ALA A 31 13.35 19.74 -14.30
C ALA A 31 13.01 19.79 -12.80
N TYR A 32 12.72 18.64 -12.20
CA TYR A 32 12.40 18.48 -10.76
C TYR A 32 13.58 18.96 -9.92
N GLU A 33 14.75 18.35 -10.14
CA GLU A 33 16.01 18.65 -9.40
C GLU A 33 16.24 20.17 -9.35
N LYS A 34 15.99 20.85 -10.47
CA LYS A 34 16.48 22.24 -10.70
C LYS A 34 15.36 23.26 -10.45
N TYR A 35 14.10 22.85 -10.50
CA TYR A 35 12.93 23.79 -10.51
C TYR A 35 11.90 23.41 -9.44
N GLY A 36 11.96 22.18 -8.91
CA GLY A 36 11.03 21.70 -7.87
C GLY A 36 9.84 20.97 -8.48
N PRO A 37 8.75 20.75 -7.72
CA PRO A 37 7.64 19.91 -8.18
C PRO A 37 6.64 20.60 -9.12
N VAL A 38 6.70 21.94 -9.19
CA VAL A 38 5.74 22.77 -9.97
C VAL A 38 6.54 23.76 -10.83
N PHE A 39 6.42 23.64 -12.16
CA PHE A 39 7.14 24.50 -13.14
C PHE A 39 6.38 24.52 -14.47
N SER A 40 6.61 25.56 -15.27
CA SER A 40 6.02 25.75 -16.63
C SER A 40 7.14 25.84 -17.66
N PHE A 41 6.97 25.20 -18.82
CA PHE A 41 7.84 25.35 -20.02
C PHE A 41 7.00 25.28 -21.29
N THR A 42 7.61 25.57 -22.44
CA THR A 42 6.92 25.76 -23.74
C THR A 42 7.38 24.70 -24.74
N MET A 43 6.45 24.17 -25.53
CA MET A 43 6.69 23.39 -26.77
C MET A 43 5.73 23.88 -27.86
N VAL A 44 6.26 24.24 -29.03
CA VAL A 44 5.44 24.63 -30.22
C VAL A 44 4.44 25.71 -29.78
N GLY A 45 4.87 26.60 -28.89
CA GLY A 45 4.14 27.84 -28.53
C GLY A 45 3.06 27.59 -27.47
N LYS A 46 2.94 26.35 -27.00
CA LYS A 46 1.97 25.95 -25.93
C LYS A 46 2.71 25.86 -24.59
N THR A 47 2.17 26.52 -23.55
CA THR A 47 2.70 26.45 -22.16
C THR A 47 2.10 25.24 -21.44
N PHE A 48 2.97 24.39 -20.87
CA PHE A 48 2.61 23.25 -20.00
C PHE A 48 3.13 23.51 -18.59
N THR A 49 2.29 23.28 -17.57
CA THR A 49 2.69 23.24 -16.14
C THR A 49 2.64 21.78 -15.66
N TYR A 50 3.74 21.30 -15.07
CA TYR A 50 3.89 19.88 -14.65
C TYR A 50 3.79 19.77 -13.13
N LEU A 51 3.07 18.75 -12.66
CA LEU A 51 2.83 18.47 -11.22
C LEU A 51 3.50 17.14 -10.87
N LEU A 52 4.72 17.21 -10.35
CA LEU A 52 5.54 16.03 -9.97
C LEU A 52 5.45 15.82 -8.45
N GLY A 53 5.35 14.57 -8.02
CA GLY A 53 5.22 14.22 -6.58
C GLY A 53 3.76 14.20 -6.16
N SER A 54 3.41 13.32 -5.21
CA SER A 54 2.02 13.10 -4.76
C SER A 54 1.37 14.44 -4.39
N ASP A 55 2.02 15.22 -3.52
CA ASP A 55 1.46 16.48 -2.97
C ASP A 55 0.93 17.34 -4.12
N ALA A 56 1.74 17.54 -5.16
CA ALA A 56 1.42 18.40 -6.33
C ALA A 56 0.38 17.72 -7.22
N ALA A 57 0.71 16.52 -7.72
CA ALA A 57 -0.17 15.70 -8.58
C ALA A 57 -1.58 15.68 -8.01
N ALA A 58 -1.70 15.65 -6.68
CA ALA A 58 -2.98 15.68 -5.94
C ALA A 58 -3.93 16.68 -6.59
N LEU A 59 -3.42 17.88 -6.92
CA LEU A 59 -4.22 18.98 -7.50
C LEU A 59 -4.98 18.48 -8.73
N LEU A 60 -4.29 17.79 -9.64
CA LEU A 60 -4.89 17.29 -10.91
C LEU A 60 -5.98 16.27 -10.58
N PHE A 61 -5.65 15.27 -9.75
CA PHE A 61 -6.52 14.10 -9.46
C PHE A 61 -7.73 14.52 -8.65
N ASN A 62 -7.55 15.48 -7.74
CA ASN A 62 -8.58 15.94 -6.76
C ASN A 62 -9.61 16.83 -7.47
N SER A 63 -9.24 17.40 -8.62
CA SER A 63 -9.91 18.56 -9.25
C SER A 63 -11.21 18.13 -9.95
N LYS A 64 -12.16 19.06 -10.06
CA LYS A 64 -13.38 18.94 -10.90
C LYS A 64 -13.00 19.16 -12.36
N ASN A 65 -13.79 18.61 -13.30
CA ASN A 65 -13.57 18.75 -14.76
C ASN A 65 -14.01 20.16 -15.21
N GLU A 66 -14.86 20.81 -14.40
CA GLU A 66 -15.26 22.22 -14.58
C GLU A 66 -14.01 23.11 -14.56
N ASP A 67 -13.05 22.77 -13.69
CA ASP A 67 -11.87 23.62 -13.35
C ASP A 67 -10.66 23.19 -14.18
N LEU A 68 -10.29 21.91 -14.12
CA LEU A 68 -9.17 21.32 -14.90
C LEU A 68 -9.74 20.30 -15.89
N ASN A 69 -9.96 20.74 -17.13
CA ASN A 69 -10.84 20.06 -18.13
C ASN A 69 -10.02 19.05 -18.94
N ALA A 70 -10.59 17.88 -19.20
CA ALA A 70 -9.95 16.75 -19.93
C ALA A 70 -10.36 16.79 -21.40
N GLU A 71 -11.61 17.15 -21.68
CA GLU A 71 -12.13 17.30 -23.07
C GLU A 71 -11.27 18.34 -23.81
N ASP A 72 -11.01 19.47 -23.16
CA ASP A 72 -10.32 20.64 -23.78
C ASP A 72 -9.07 20.14 -24.51
N VAL A 73 -8.47 19.04 -24.04
CA VAL A 73 -7.17 18.53 -24.59
C VAL A 73 -7.37 17.26 -25.42
N TYR A 74 -8.36 16.42 -25.07
CA TYR A 74 -8.47 15.03 -25.57
C TYR A 74 -9.52 14.95 -26.70
N SER A 75 -10.59 15.74 -26.60
CA SER A 75 -11.75 15.73 -27.51
C SER A 75 -11.28 15.55 -28.97
N ARG A 76 -10.35 16.40 -29.42
CA ARG A 76 -10.02 16.57 -30.86
C ARG A 76 -9.43 15.28 -31.43
N LEU A 77 -8.85 14.42 -30.60
CA LEU A 77 -8.15 13.19 -31.07
C LEU A 77 -9.08 11.98 -30.93
N THR A 78 -9.93 11.98 -29.91
CA THR A 78 -10.77 10.82 -29.50
C THR A 78 -12.06 10.78 -30.32
N THR A 79 -12.79 11.90 -30.38
CA THR A 79 -14.13 11.99 -31.04
C THR A 79 -14.05 11.33 -32.42
N PRO A 80 -12.96 11.56 -33.19
CA PRO A 80 -12.84 10.99 -34.53
C PRO A 80 -12.67 9.46 -34.54
N VAL A 81 -12.22 8.86 -33.43
CA VAL A 81 -11.96 7.40 -33.31
C VAL A 81 -13.12 6.74 -32.55
N PHE A 82 -13.29 7.07 -31.27
CA PHE A 82 -14.37 6.50 -30.41
C PHE A 82 -15.72 6.77 -31.08
N GLY A 83 -15.91 8.00 -31.56
CA GLY A 83 -17.15 8.44 -32.25
C GLY A 83 -17.92 9.45 -31.42
N LYS A 84 -19.09 9.88 -31.92
CA LYS A 84 -19.93 10.94 -31.30
C LYS A 84 -20.69 10.38 -30.10
N GLY A 85 -21.15 11.27 -29.22
CA GLY A 85 -22.09 10.95 -28.12
C GLY A 85 -21.43 10.19 -26.98
N VAL A 86 -20.10 10.00 -27.07
CA VAL A 86 -19.32 9.16 -26.12
C VAL A 86 -18.08 9.93 -25.65
N ALA A 87 -17.57 9.57 -24.47
CA ALA A 87 -16.29 10.06 -23.90
C ALA A 87 -16.30 11.59 -23.83
N TYR A 88 -15.41 12.23 -24.59
CA TYR A 88 -15.07 13.68 -24.46
C TYR A 88 -15.93 14.50 -25.42
N ASP A 89 -16.83 13.85 -26.16
CA ASP A 89 -17.78 14.52 -27.09
C ASP A 89 -19.03 14.94 -26.31
N VAL A 90 -19.09 14.61 -25.02
CA VAL A 90 -20.25 14.92 -24.13
C VAL A 90 -19.74 15.56 -22.84
N PRO A 91 -20.59 16.34 -22.13
CA PRO A 91 -20.22 16.86 -20.81
C PRO A 91 -19.69 15.73 -19.92
N ASN A 92 -18.84 16.07 -18.95
CA ASN A 92 -18.18 15.07 -18.06
C ASN A 92 -19.25 14.29 -17.29
N PRO A 93 -20.32 14.95 -16.81
CA PRO A 93 -21.37 14.27 -16.05
C PRO A 93 -21.93 13.06 -16.82
N VAL A 94 -22.20 13.25 -18.11
CA VAL A 94 -22.76 12.21 -19.03
C VAL A 94 -21.75 11.08 -19.16
N PHE A 95 -20.46 11.41 -19.24
CA PHE A 95 -19.33 10.44 -19.33
C PHE A 95 -19.29 9.61 -18.04
N LEU A 96 -19.46 10.25 -16.88
CA LEU A 96 -19.39 9.59 -15.55
C LEU A 96 -20.52 8.57 -15.43
N GLU A 97 -21.67 8.84 -16.06
CA GLU A 97 -22.81 7.90 -16.18
C GLU A 97 -22.39 6.72 -17.06
N GLN A 98 -21.87 7.01 -18.25
CA GLN A 98 -21.42 5.99 -19.23
C GLN A 98 -20.34 5.10 -18.60
N LYS A 99 -19.57 5.68 -17.67
CA LYS A 99 -18.46 4.98 -16.96
C LYS A 99 -19.04 3.95 -15.99
N LYS A 100 -20.14 4.29 -15.32
CA LYS A 100 -20.88 3.37 -14.41
C LYS A 100 -21.40 2.18 -15.21
N MET A 101 -22.06 2.46 -16.33
CA MET A 101 -22.63 1.43 -17.25
C MET A 101 -21.53 0.44 -17.62
N LEU A 102 -20.37 0.95 -18.04
CA LEU A 102 -19.18 0.13 -18.40
C LEU A 102 -18.70 -0.63 -17.17
N LYS A 103 -18.68 0.04 -16.01
CA LYS A 103 -18.11 -0.50 -14.74
C LYS A 103 -18.94 -1.72 -14.30
N SER A 104 -20.26 -1.55 -14.20
CA SER A 104 -21.22 -2.62 -13.85
C SER A 104 -20.88 -3.90 -14.61
N GLY A 105 -20.70 -3.79 -15.92
CA GLY A 105 -20.35 -4.92 -16.82
C GLY A 105 -19.11 -5.65 -16.34
N LEU A 106 -18.16 -4.91 -15.75
CA LEU A 106 -16.86 -5.46 -15.25
C LEU A 106 -17.02 -5.89 -13.79
N ASN A 107 -17.61 -7.08 -13.59
CA ASN A 107 -17.93 -7.64 -12.24
C ASN A 107 -17.34 -9.05 -12.13
N ILE A 108 -17.56 -9.70 -10.98
CA ILE A 108 -16.99 -11.05 -10.65
C ILE A 108 -17.69 -12.11 -11.51
N ALA A 109 -18.96 -11.87 -11.84
CA ALA A 109 -19.81 -12.78 -12.65
C ALA A 109 -19.15 -13.00 -14.02
N HIS A 110 -18.59 -11.93 -14.61
CA HIS A 110 -18.05 -11.92 -15.99
C HIS A 110 -16.55 -12.26 -15.97
N PHE A 111 -15.84 -11.86 -14.91
CA PHE A 111 -14.39 -12.15 -14.71
C PHE A 111 -14.18 -13.68 -14.68
N LYS A 112 -15.16 -14.41 -14.14
CA LYS A 112 -15.17 -15.90 -14.11
C LYS A 112 -15.24 -16.44 -15.53
N GLN A 113 -16.21 -15.97 -16.31
CA GLN A 113 -16.43 -16.37 -17.73
C GLN A 113 -15.16 -16.11 -18.53
N HIS A 114 -14.44 -15.03 -18.22
CA HIS A 114 -13.33 -14.46 -19.05
C HIS A 114 -12.10 -15.36 -18.94
N VAL A 115 -11.69 -15.71 -17.71
CA VAL A 115 -10.40 -16.42 -17.43
C VAL A 115 -10.25 -17.60 -18.38
N SER A 116 -11.26 -18.47 -18.45
CA SER A 116 -11.27 -19.68 -19.32
C SER A 116 -11.17 -19.27 -20.80
N ILE A 117 -11.93 -18.24 -21.19
CA ILE A 117 -11.95 -17.69 -22.58
C ILE A 117 -10.54 -17.21 -22.93
N ILE A 118 -9.86 -16.55 -21.99
CA ILE A 118 -8.52 -15.94 -22.18
C ILE A 118 -7.46 -17.04 -22.21
N GLU A 119 -7.56 -18.00 -21.30
CA GLU A 119 -6.64 -19.18 -21.22
C GLU A 119 -6.68 -19.92 -22.56
N LYS A 120 -7.88 -20.20 -23.07
CA LYS A 120 -8.11 -20.93 -24.34
C LYS A 120 -7.43 -20.18 -25.49
N GLU A 121 -7.73 -18.89 -25.64
CA GLU A 121 -7.17 -18.01 -26.70
C GLU A 121 -5.64 -18.04 -26.63
N THR A 122 -5.10 -18.00 -25.41
CA THR A 122 -3.64 -17.93 -25.12
C THR A 122 -2.96 -19.22 -25.60
N LYS A 123 -3.53 -20.38 -25.26
CA LYS A 123 -2.98 -21.71 -25.63
C LYS A 123 -3.00 -21.87 -27.15
N GLU A 124 -4.13 -21.52 -27.78
CA GLU A 124 -4.39 -21.74 -29.23
C GLU A 124 -3.46 -20.85 -30.06
N TYR A 125 -3.18 -19.63 -29.61
CA TYR A 125 -2.33 -18.66 -30.34
C TYR A 125 -0.87 -19.13 -30.30
N PHE A 126 -0.41 -19.58 -29.13
CA PHE A 126 1.00 -19.97 -28.87
C PHE A 126 1.21 -21.44 -29.26
N GLU A 127 0.32 -21.98 -30.09
CA GLU A 127 0.54 -23.25 -30.84
C GLU A 127 1.62 -23.01 -31.89
N SER A 128 1.54 -21.85 -32.55
CA SER A 128 2.33 -21.49 -33.77
C SER A 128 3.81 -21.31 -33.42
N TRP A 129 4.12 -21.15 -32.13
CA TRP A 129 5.48 -20.80 -31.63
C TRP A 129 6.35 -22.06 -31.57
N GLY A 130 5.76 -23.24 -31.82
CA GLY A 130 6.45 -24.53 -31.79
C GLY A 130 6.89 -24.91 -30.39
N GLU A 131 8.08 -25.52 -30.27
CA GLU A 131 8.63 -26.02 -28.98
C GLU A 131 9.62 -25.00 -28.39
N SER A 132 10.24 -24.20 -29.26
CA SER A 132 11.27 -23.19 -28.89
C SER A 132 11.56 -22.26 -30.09
N GLY A 133 12.43 -21.27 -29.88
CA GLY A 133 12.89 -20.34 -30.93
C GLY A 133 13.10 -18.94 -30.40
N GLU A 134 13.09 -17.94 -31.29
CA GLU A 134 13.25 -16.51 -30.94
C GLU A 134 12.25 -15.68 -31.77
N LYS A 135 11.27 -15.05 -31.10
CA LYS A 135 10.17 -14.30 -31.77
C LYS A 135 9.81 -13.05 -30.97
N ASN A 136 9.22 -12.06 -31.64
CA ASN A 136 8.77 -10.78 -31.04
C ASN A 136 7.55 -11.04 -30.15
N VAL A 137 7.72 -10.93 -28.82
CA VAL A 137 6.63 -11.14 -27.81
C VAL A 137 5.57 -10.05 -28.00
N PHE A 138 6.01 -8.81 -28.22
CA PHE A 138 5.13 -7.61 -28.32
C PHE A 138 4.16 -7.78 -29.49
N GLU A 139 4.68 -8.03 -30.69
CA GLU A 139 3.87 -8.37 -31.89
C GLU A 139 2.86 -9.45 -31.50
N ALA A 140 3.33 -10.50 -30.83
CA ALA A 140 2.57 -11.71 -30.46
C ALA A 140 1.49 -11.35 -29.44
N LEU A 141 1.87 -10.60 -28.40
CA LEU A 141 0.98 -10.22 -27.27
C LEU A 141 -0.14 -9.29 -27.78
N SER A 142 0.22 -8.32 -28.64
CA SER A 142 -0.71 -7.36 -29.25
C SER A 142 -1.78 -8.11 -30.05
N GLU A 143 -1.37 -9.11 -30.83
CA GLU A 143 -2.26 -9.95 -31.67
C GLU A 143 -3.18 -10.77 -30.76
N LEU A 144 -2.63 -11.31 -29.66
CA LEU A 144 -3.39 -12.14 -28.68
C LEU A 144 -4.37 -11.25 -27.91
N ILE A 145 -3.90 -10.09 -27.44
CA ILE A 145 -4.66 -9.18 -26.54
C ILE A 145 -5.96 -8.74 -27.23
N ILE A 146 -5.89 -8.46 -28.53
CA ILE A 146 -7.06 -7.93 -29.32
C ILE A 146 -8.15 -9.00 -29.37
N LEU A 147 -7.75 -10.27 -29.56
CA LEU A 147 -8.68 -11.43 -29.68
C LEU A 147 -9.36 -11.67 -28.32
N THR A 148 -8.57 -11.81 -27.26
CA THR A 148 -9.04 -11.97 -25.86
C THR A 148 -10.05 -10.86 -25.54
N ALA A 149 -9.61 -9.60 -25.61
CA ALA A 149 -10.38 -8.39 -25.24
C ALA A 149 -11.70 -8.34 -26.04
N SER A 150 -11.63 -8.67 -27.33
CA SER A 150 -12.80 -8.67 -28.25
C SER A 150 -13.78 -9.77 -27.83
N HIS A 151 -13.26 -10.99 -27.60
CA HIS A 151 -14.03 -12.15 -27.09
C HIS A 151 -14.70 -11.75 -25.76
N CYS A 152 -13.89 -11.29 -24.80
CA CYS A 152 -14.32 -10.88 -23.44
C CYS A 152 -15.28 -9.69 -23.51
N LEU A 153 -14.82 -8.58 -24.08
CA LEU A 153 -15.46 -7.24 -23.92
C LEU A 153 -16.60 -7.06 -24.93
N HIS A 154 -16.48 -7.68 -26.13
CA HIS A 154 -17.47 -7.57 -27.22
C HIS A 154 -18.40 -8.79 -27.20
N GLY A 155 -17.82 -9.99 -27.13
CA GLY A 155 -18.55 -11.27 -27.12
C GLY A 155 -18.10 -12.20 -28.22
N LYS A 156 -18.56 -13.45 -28.20
CA LYS A 156 -18.15 -14.53 -29.14
C LYS A 156 -18.57 -14.17 -30.56
N GLU A 157 -19.79 -13.65 -30.73
CA GLU A 157 -20.34 -13.24 -32.06
C GLU A 157 -19.34 -12.31 -32.75
N ILE A 158 -19.03 -11.18 -32.11
CA ILE A 158 -18.16 -10.10 -32.65
C ILE A 158 -16.72 -10.62 -32.74
N ARG A 159 -16.34 -11.52 -31.83
CA ARG A 159 -14.99 -12.15 -31.80
C ARG A 159 -14.84 -13.10 -32.99
N SER A 160 -15.95 -13.69 -33.45
CA SER A 160 -16.00 -14.69 -34.55
C SER A 160 -15.82 -13.98 -35.90
N GLN A 161 -16.02 -12.66 -35.92
CA GLN A 161 -15.92 -11.83 -37.16
C GLN A 161 -14.51 -11.23 -37.28
N LEU A 162 -13.64 -11.52 -36.30
CA LEU A 162 -12.30 -10.91 -36.16
C LEU A 162 -11.32 -11.56 -37.14
N ASN A 163 -11.45 -11.25 -38.43
CA ASN A 163 -10.46 -11.64 -39.47
C ASN A 163 -9.35 -10.59 -39.51
N GLU A 164 -8.22 -10.92 -40.14
CA GLU A 164 -7.03 -10.03 -40.23
C GLU A 164 -7.42 -8.69 -40.85
N LYS A 165 -8.52 -8.65 -41.62
CA LYS A 165 -9.04 -7.37 -42.19
C LYS A 165 -9.45 -6.45 -41.03
N VAL A 166 -10.29 -6.96 -40.13
CA VAL A 166 -10.88 -6.20 -38.99
C VAL A 166 -9.75 -5.79 -38.03
N ALA A 167 -8.75 -6.65 -37.86
CA ALA A 167 -7.53 -6.37 -37.07
C ALA A 167 -6.85 -5.10 -37.60
N GLN A 168 -6.79 -4.95 -38.93
CA GLN A 168 -6.07 -3.85 -39.61
C GLN A 168 -6.92 -2.57 -39.50
N LEU A 169 -8.24 -2.70 -39.38
CA LEU A 169 -9.18 -1.57 -39.18
C LEU A 169 -8.95 -0.99 -37.77
N TYR A 170 -8.67 -1.86 -36.79
CA TYR A 170 -8.47 -1.48 -35.37
C TYR A 170 -7.13 -0.75 -35.22
N ALA A 171 -6.14 -1.13 -36.04
CA ALA A 171 -4.83 -0.45 -36.15
C ALA A 171 -5.04 0.94 -36.78
N ASP A 172 -5.91 1.02 -37.79
CA ASP A 172 -6.17 2.26 -38.58
C ASP A 172 -6.85 3.29 -37.69
N LEU A 173 -7.67 2.84 -36.73
CA LEU A 173 -8.27 3.69 -35.67
C LEU A 173 -7.17 4.20 -34.75
N ASP A 174 -6.25 3.31 -34.36
CA ASP A 174 -5.14 3.60 -33.42
C ASP A 174 -4.19 4.62 -34.04
N GLY A 175 -4.03 4.57 -35.38
CA GLY A 175 -3.26 5.55 -36.15
C GLY A 175 -3.81 6.95 -35.96
N GLY A 176 -5.06 7.05 -35.47
CA GLY A 176 -5.71 8.33 -35.12
C GLY A 176 -5.06 8.94 -33.89
N PHE A 177 -4.37 8.12 -33.09
CA PHE A 177 -3.61 8.57 -31.90
C PHE A 177 -2.14 8.75 -32.30
N SER A 178 -1.80 9.94 -32.80
CA SER A 178 -0.44 10.26 -33.30
C SER A 178 -0.08 11.70 -32.93
N HIS A 179 1.22 11.99 -32.85
CA HIS A 179 1.76 13.35 -32.59
C HIS A 179 1.34 14.28 -33.73
N ALA A 180 1.29 13.76 -34.95
CA ALA A 180 0.81 14.47 -36.17
C ALA A 180 -0.64 14.92 -35.96
N ALA A 181 -1.44 14.09 -35.28
CA ALA A 181 -2.89 14.29 -35.09
C ALA A 181 -3.15 15.57 -34.29
N TRP A 182 -2.35 15.82 -33.24
CA TRP A 182 -2.54 16.98 -32.32
C TRP A 182 -1.58 18.11 -32.68
N LEU A 183 -0.64 17.87 -33.60
CA LEU A 183 0.35 18.89 -34.05
C LEU A 183 -0.21 19.65 -35.25
N LEU A 184 -0.88 18.94 -36.16
CA LEU A 184 -1.30 19.47 -37.49
C LEU A 184 -2.82 19.65 -37.52
N PRO A 185 -3.33 20.61 -38.33
CA PRO A 185 -4.77 20.77 -38.53
C PRO A 185 -5.44 19.49 -39.07
N GLY A 186 -6.66 19.22 -38.62
CA GLY A 186 -7.44 18.02 -38.98
C GLY A 186 -7.85 18.03 -40.45
N TRP A 187 -7.79 19.20 -41.10
CA TRP A 187 -8.29 19.39 -42.49
C TRP A 187 -7.19 19.09 -43.50
N LEU A 188 -6.00 18.71 -43.04
CA LEU A 188 -4.93 18.13 -43.91
C LEU A 188 -5.36 16.74 -44.35
N PRO A 189 -5.49 16.47 -45.67
CA PRO A 189 -5.89 15.15 -46.15
C PRO A 189 -4.73 14.14 -45.99
N LEU A 190 -4.38 13.84 -44.75
CA LEU A 190 -3.30 12.87 -44.39
C LEU A 190 -3.80 11.45 -44.59
N PRO A 191 -2.95 10.52 -45.07
CA PRO A 191 -3.29 9.09 -45.11
C PRO A 191 -3.83 8.58 -43.77
N SER A 192 -3.02 8.69 -42.70
CA SER A 192 -3.33 8.17 -41.35
C SER A 192 -4.74 8.63 -40.93
N PHE A 193 -5.03 9.92 -41.10
CA PHE A 193 -6.35 10.53 -40.81
C PHE A 193 -7.44 9.76 -41.58
N ARG A 194 -7.29 9.71 -42.91
CA ARG A 194 -8.30 9.16 -43.84
C ARG A 194 -8.54 7.68 -43.55
N ARG A 195 -7.48 6.95 -43.18
CA ARG A 195 -7.55 5.50 -42.84
C ARG A 195 -8.30 5.33 -41.51
N ARG A 196 -8.08 6.26 -40.57
CA ARG A 196 -8.83 6.32 -39.29
C ARG A 196 -10.32 6.49 -39.58
N ASP A 197 -10.66 7.52 -40.36
CA ASP A 197 -12.07 7.93 -40.64
C ASP A 197 -12.77 6.81 -41.43
N ARG A 198 -12.06 6.16 -42.35
CA ARG A 198 -12.59 5.00 -43.12
C ARG A 198 -12.84 3.84 -42.15
N ALA A 199 -11.84 3.48 -41.36
CA ALA A 199 -11.86 2.33 -40.42
C ALA A 199 -12.96 2.54 -39.37
N HIS A 200 -13.26 3.79 -39.02
CA HIS A 200 -14.32 4.15 -38.05
C HIS A 200 -15.68 3.71 -38.60
N ARG A 201 -16.11 4.28 -39.73
CA ARG A 201 -17.44 4.02 -40.35
C ARG A 201 -17.64 2.52 -40.53
N GLU A 202 -16.60 1.80 -40.98
CA GLU A 202 -16.67 0.36 -41.33
C GLU A 202 -16.86 -0.48 -40.06
N ILE A 203 -16.26 -0.05 -38.95
CA ILE A 203 -16.33 -0.78 -37.64
C ILE A 203 -17.67 -0.49 -36.97
N LYS A 204 -18.13 0.76 -37.02
CA LYS A 204 -19.49 1.17 -36.56
C LYS A 204 -20.53 0.28 -37.24
N ASP A 205 -20.41 0.11 -38.57
CA ASP A 205 -21.35 -0.67 -39.41
C ASP A 205 -21.36 -2.13 -38.95
N ILE A 206 -20.19 -2.67 -38.58
CA ILE A 206 -20.04 -4.08 -38.11
C ILE A 206 -20.81 -4.23 -36.79
N PHE A 207 -20.66 -3.25 -35.89
CA PHE A 207 -21.29 -3.23 -34.54
C PHE A 207 -22.80 -3.04 -34.68
N TYR A 208 -23.23 -2.18 -35.61
CA TYR A 208 -24.67 -1.91 -35.90
C TYR A 208 -25.39 -3.23 -36.18
N LYS A 209 -24.77 -4.10 -36.98
CA LYS A 209 -25.32 -5.42 -37.37
C LYS A 209 -25.42 -6.32 -36.14
N ALA A 210 -24.32 -6.44 -35.39
CA ALA A 210 -24.18 -7.35 -34.23
C ALA A 210 -25.11 -6.92 -33.11
N ILE A 211 -25.43 -5.63 -33.03
CA ILE A 211 -26.31 -5.03 -31.97
C ILE A 211 -27.77 -5.33 -32.32
N GLN A 212 -28.20 -4.94 -33.53
CA GLN A 212 -29.56 -5.26 -34.07
C GLN A 212 -29.85 -6.75 -33.80
N LYS A 213 -28.94 -7.62 -34.25
CA LYS A 213 -29.02 -9.09 -34.11
C LYS A 213 -29.40 -9.47 -32.68
N ARG A 214 -28.66 -8.94 -31.70
CA ARG A 214 -28.76 -9.33 -30.26
C ARG A 214 -30.11 -8.85 -29.69
N ARG A 215 -30.55 -7.66 -30.06
CA ARG A 215 -31.81 -7.04 -29.55
C ARG A 215 -33.00 -7.90 -29.99
N GLN A 216 -33.15 -8.11 -31.30
CA GLN A 216 -34.19 -9.00 -31.90
C GLN A 216 -34.18 -10.35 -31.19
N SER A 217 -33.00 -10.98 -31.12
CA SER A 217 -32.80 -12.35 -30.57
C SER A 217 -33.60 -12.52 -29.28
N GLN A 218 -34.42 -13.57 -29.21
CA GLN A 218 -35.00 -14.11 -27.95
C GLN A 218 -33.84 -14.40 -26.98
N GLU A 219 -32.66 -14.64 -27.56
CA GLU A 219 -31.46 -15.20 -26.87
C GLU A 219 -31.12 -14.32 -25.68
N LYS A 220 -31.14 -14.88 -24.46
CA LYS A 220 -30.66 -14.14 -23.27
C LYS A 220 -29.20 -14.52 -22.97
N ILE A 221 -28.31 -13.53 -22.90
CA ILE A 221 -26.87 -13.73 -22.60
C ILE A 221 -26.41 -12.72 -21.55
N ASP A 222 -25.62 -13.19 -20.57
CA ASP A 222 -25.03 -12.36 -19.49
C ASP A 222 -23.57 -12.06 -19.83
N ASP A 223 -23.35 -11.13 -20.76
CA ASP A 223 -22.01 -10.59 -21.13
C ASP A 223 -22.10 -9.07 -21.17
N ILE A 224 -20.95 -8.39 -21.32
CA ILE A 224 -20.81 -6.92 -21.22
C ILE A 224 -21.76 -6.25 -22.24
N LEU A 225 -21.78 -6.76 -23.48
CA LEU A 225 -22.63 -6.23 -24.58
C LEU A 225 -24.08 -6.08 -24.08
N GLN A 226 -24.59 -7.10 -23.38
CA GLN A 226 -25.99 -7.12 -22.87
C GLN A 226 -26.12 -6.12 -21.72
N THR A 227 -25.13 -6.07 -20.83
CA THR A 227 -25.05 -5.10 -19.70
C THR A 227 -25.39 -3.70 -20.23
N LEU A 228 -24.81 -3.33 -21.39
CA LEU A 228 -24.95 -2.00 -22.02
C LEU A 228 -26.34 -1.87 -22.65
N LEU A 229 -26.80 -2.93 -23.32
CA LEU A 229 -28.11 -2.95 -24.04
C LEU A 229 -29.25 -2.76 -23.04
N ASP A 230 -29.13 -3.36 -21.86
CA ASP A 230 -30.18 -3.38 -20.81
C ASP A 230 -30.10 -2.10 -19.97
N ALA A 231 -28.90 -1.50 -19.88
CA ALA A 231 -28.58 -0.37 -19.00
C ALA A 231 -29.38 0.88 -19.42
N THR A 232 -29.50 1.85 -18.51
CA THR A 232 -30.20 3.14 -18.73
C THR A 232 -29.46 4.26 -17.99
N TYR A 233 -29.77 5.51 -18.32
CA TYR A 233 -29.23 6.71 -17.63
C TYR A 233 -30.01 6.94 -16.33
N LYS A 234 -29.69 8.02 -15.63
CA LYS A 234 -30.46 8.45 -14.42
C LYS A 234 -31.84 8.93 -14.88
N ASP A 235 -31.91 9.57 -16.06
CA ASP A 235 -33.17 10.05 -16.68
C ASP A 235 -34.09 8.86 -16.98
N GLY A 236 -33.53 7.74 -17.45
CA GLY A 236 -34.30 6.50 -17.69
C GLY A 236 -34.22 6.04 -19.14
N ARG A 237 -33.64 6.87 -20.00
CA ARG A 237 -33.38 6.57 -21.43
C ARG A 237 -32.37 5.41 -21.52
N PRO A 238 -32.52 4.47 -22.48
CA PRO A 238 -31.47 3.50 -22.76
C PRO A 238 -30.52 4.02 -23.85
N LEU A 239 -29.33 3.41 -23.97
CA LEU A 239 -28.29 3.80 -24.96
C LEU A 239 -28.82 3.58 -26.37
N THR A 240 -28.40 4.42 -27.33
CA THR A 240 -28.65 4.26 -28.79
C THR A 240 -27.69 3.21 -29.36
N ASP A 241 -27.99 2.70 -30.55
CA ASP A 241 -27.10 1.73 -31.26
C ASP A 241 -25.70 2.35 -31.38
N ASP A 242 -25.64 3.65 -31.67
CA ASP A 242 -24.38 4.39 -31.95
C ASP A 242 -23.59 4.57 -30.65
N GLU A 243 -24.25 5.04 -29.59
CA GLU A 243 -23.65 5.22 -28.23
C GLU A 243 -22.95 3.92 -27.82
N VAL A 244 -23.59 2.77 -28.08
CA VAL A 244 -23.08 1.42 -27.72
C VAL A 244 -21.84 1.12 -28.57
N ALA A 245 -21.94 1.28 -29.88
CA ALA A 245 -20.83 1.07 -30.85
C ALA A 245 -19.62 1.91 -30.40
N GLY A 246 -19.84 3.20 -30.14
CA GLY A 246 -18.84 4.13 -29.61
C GLY A 246 -18.08 3.53 -28.44
N MET A 247 -18.80 2.94 -27.48
CA MET A 247 -18.24 2.44 -26.19
C MET A 247 -17.52 1.10 -26.43
N LEU A 248 -18.01 0.30 -27.38
CA LEU A 248 -17.38 -0.99 -27.77
C LEU A 248 -15.99 -0.72 -28.35
N ILE A 249 -15.84 0.38 -29.10
CA ILE A 249 -14.54 0.81 -29.69
C ILE A 249 -13.60 1.21 -28.55
N GLY A 250 -14.02 2.21 -27.77
CA GLY A 250 -13.25 2.69 -26.60
C GLY A 250 -12.78 1.51 -25.77
N LEU A 251 -13.70 0.62 -25.42
CA LEU A 251 -13.40 -0.62 -24.64
C LEU A 251 -12.18 -1.33 -25.23
N LEU A 252 -12.24 -1.70 -26.51
CA LEU A 252 -11.20 -2.56 -27.15
C LEU A 252 -9.86 -1.82 -27.16
N LEU A 253 -9.86 -0.56 -27.63
CA LEU A 253 -8.64 0.27 -27.74
C LEU A 253 -7.99 0.42 -26.36
N ALA A 254 -8.77 0.81 -25.36
CA ALA A 254 -8.36 0.91 -23.94
C ALA A 254 -7.67 -0.40 -23.54
N GLY A 255 -8.38 -1.53 -23.70
CA GLY A 255 -7.93 -2.87 -23.28
C GLY A 255 -6.58 -3.23 -23.88
N GLN A 256 -6.41 -3.01 -25.19
CA GLN A 256 -5.37 -3.68 -26.01
C GLN A 256 -3.98 -3.15 -25.67
N HIS A 257 -3.69 -1.90 -26.02
CA HIS A 257 -2.31 -1.32 -26.08
C HIS A 257 -1.74 -1.16 -24.66
N THR A 258 -2.55 -0.73 -23.70
CA THR A 258 -2.17 -0.58 -22.28
C THR A 258 -1.63 -1.92 -21.75
N SER A 259 -2.37 -3.01 -22.00
CA SER A 259 -2.08 -4.38 -21.50
C SER A 259 -0.93 -5.02 -22.30
N SER A 260 -1.00 -4.94 -23.63
CA SER A 260 -0.03 -5.59 -24.55
C SER A 260 1.39 -5.13 -24.22
N THR A 261 1.62 -3.81 -24.20
CA THR A 261 2.94 -3.20 -23.89
C THR A 261 3.37 -3.62 -22.48
N THR A 262 2.48 -3.47 -21.49
CA THR A 262 2.72 -3.84 -20.08
C THR A 262 3.14 -5.31 -20.01
N SER A 263 2.37 -6.20 -20.65
CA SER A 263 2.65 -7.66 -20.73
C SER A 263 4.01 -7.89 -21.37
N ALA A 264 4.30 -7.18 -22.46
CA ALA A 264 5.54 -7.30 -23.26
C ALA A 264 6.76 -6.90 -22.41
N TRP A 265 6.60 -5.85 -21.59
CA TRP A 265 7.68 -5.28 -20.74
C TRP A 265 8.03 -6.26 -19.62
N MET A 266 7.02 -6.79 -18.91
CA MET A 266 7.20 -7.82 -17.85
C MET A 266 8.01 -8.98 -18.43
N GLY A 267 7.60 -9.48 -19.60
CA GLY A 267 8.24 -10.63 -20.27
C GLY A 267 9.74 -10.47 -20.37
N PHE A 268 10.26 -9.24 -20.34
CA PHE A 268 11.70 -8.93 -20.46
C PHE A 268 12.31 -8.72 -19.07
N PHE A 269 11.52 -8.20 -18.12
CA PHE A 269 11.90 -8.13 -16.68
C PHE A 269 12.08 -9.56 -16.14
N LEU A 270 11.14 -10.44 -16.47
CA LEU A 270 11.13 -11.87 -16.06
C LEU A 270 12.28 -12.61 -16.76
N ALA A 271 12.57 -12.25 -18.01
CA ALA A 271 13.62 -12.87 -18.85
C ALA A 271 15.01 -12.52 -18.29
N ARG A 272 15.11 -11.40 -17.56
CA ARG A 272 16.40 -10.89 -17.03
C ARG A 272 16.67 -11.48 -15.64
N ASP A 273 15.65 -11.48 -14.77
CA ASP A 273 15.74 -12.05 -13.40
C ASP A 273 15.18 -13.48 -13.42
N LYS A 274 16.03 -14.46 -13.72
CA LYS A 274 15.63 -15.89 -13.90
C LYS A 274 15.17 -16.47 -12.57
N THR A 275 15.80 -16.05 -11.46
CA THR A 275 15.41 -16.40 -10.08
C THR A 275 13.92 -16.13 -9.88
N LEU A 276 13.47 -14.91 -10.22
CA LEU A 276 12.08 -14.44 -10.03
C LEU A 276 11.13 -15.25 -10.93
N GLN A 277 11.51 -15.46 -12.19
CA GLN A 277 10.70 -16.22 -13.19
C GLN A 277 10.44 -17.64 -12.65
N LYS A 278 11.47 -18.27 -12.07
CA LYS A 278 11.39 -19.64 -11.50
C LYS A 278 10.31 -19.67 -10.42
N LYS A 279 10.39 -18.73 -9.47
CA LYS A 279 9.43 -18.59 -8.34
C LYS A 279 8.01 -18.40 -8.90
N CYS A 280 7.87 -17.61 -9.96
CA CYS A 280 6.58 -17.29 -10.62
C CYS A 280 5.97 -18.55 -11.24
N TYR A 281 6.82 -19.48 -11.70
CA TYR A 281 6.39 -20.79 -12.27
C TYR A 281 6.00 -21.73 -11.13
N LEU A 282 6.81 -21.76 -10.06
CA LEU A 282 6.61 -22.66 -8.89
C LEU A 282 5.40 -22.20 -8.09
N GLU A 283 5.08 -20.91 -8.14
CA GLU A 283 3.85 -20.33 -7.54
C GLU A 283 2.63 -20.99 -8.18
N GLN A 284 2.64 -21.12 -9.51
CA GLN A 284 1.53 -21.70 -10.32
C GLN A 284 1.18 -23.08 -9.79
N LYS A 285 2.17 -23.97 -9.64
CA LYS A 285 2.03 -25.30 -9.00
C LYS A 285 1.45 -25.11 -7.60
N THR A 286 2.12 -24.29 -6.79
CA THR A 286 1.87 -24.09 -5.34
C THR A 286 0.42 -23.65 -5.10
N VAL A 287 -0.17 -22.90 -6.04
CA VAL A 287 -1.49 -22.23 -5.87
C VAL A 287 -2.57 -23.08 -6.55
N CYS A 288 -2.34 -23.45 -7.82
CA CYS A 288 -3.31 -24.19 -8.68
C CYS A 288 -3.20 -25.70 -8.44
N GLY A 289 -1.97 -26.18 -8.18
CA GLY A 289 -1.69 -27.62 -8.01
C GLY A 289 -0.49 -28.05 -8.84
N GLU A 290 0.13 -29.18 -8.49
CA GLU A 290 1.32 -29.74 -9.17
C GLU A 290 0.94 -30.14 -10.60
N ASN A 291 -0.35 -30.36 -10.85
CA ASN A 291 -0.89 -30.91 -12.13
C ASN A 291 -1.14 -29.76 -13.12
N LEU A 292 -1.14 -28.52 -12.64
CA LEU A 292 -1.36 -27.30 -13.46
C LEU A 292 -2.69 -27.42 -14.21
N PRO A 293 -3.84 -27.40 -13.49
CA PRO A 293 -5.15 -27.48 -14.13
C PRO A 293 -5.61 -26.16 -14.75
N PRO A 294 -6.67 -26.17 -15.58
CA PRO A 294 -7.28 -24.93 -16.07
C PRO A 294 -7.46 -23.88 -14.97
N LEU A 295 -6.96 -22.68 -15.21
CA LEU A 295 -7.05 -21.52 -14.26
C LEU A 295 -8.52 -21.20 -14.00
N THR A 296 -8.86 -20.88 -12.76
CA THR A 296 -10.17 -20.29 -12.36
C THR A 296 -9.93 -18.90 -11.74
N TYR A 297 -10.96 -18.04 -11.75
CA TYR A 297 -10.88 -16.62 -11.33
C TYR A 297 -10.35 -16.55 -9.90
N ASP A 298 -10.85 -17.41 -9.02
CA ASP A 298 -10.57 -17.37 -7.56
C ASP A 298 -9.10 -17.73 -7.30
N GLN A 299 -8.48 -18.48 -8.22
CA GLN A 299 -7.04 -18.85 -8.17
C GLN A 299 -6.21 -17.57 -8.38
N LEU A 300 -6.66 -16.69 -9.29
CA LEU A 300 -5.97 -15.42 -9.62
C LEU A 300 -5.61 -14.68 -8.32
N LYS A 301 -6.58 -14.48 -7.44
CA LYS A 301 -6.45 -13.64 -6.22
C LYS A 301 -5.26 -14.12 -5.39
N ASP A 302 -4.95 -15.41 -5.49
CA ASP A 302 -3.94 -16.11 -4.63
C ASP A 302 -2.56 -16.03 -5.29
N LEU A 303 -2.51 -15.56 -6.54
CA LEU A 303 -1.26 -15.38 -7.31
C LEU A 303 -0.60 -14.06 -6.89
N ASN A 304 -0.06 -14.01 -5.68
CA ASN A 304 0.47 -12.78 -5.03
C ASN A 304 1.71 -12.30 -5.80
N LEU A 305 2.64 -13.20 -6.13
CA LEU A 305 3.96 -12.84 -6.72
C LEU A 305 3.75 -12.32 -8.15
N LEU A 306 2.92 -13.00 -8.94
CA LEU A 306 2.56 -12.55 -10.32
C LEU A 306 1.92 -11.16 -10.22
N ASP A 307 0.91 -11.02 -9.34
CA ASP A 307 0.18 -9.76 -9.10
C ASP A 307 1.17 -8.64 -8.78
N ARG A 308 2.20 -8.93 -7.98
CA ARG A 308 3.21 -7.95 -7.52
C ARG A 308 4.19 -7.66 -8.67
N CYS A 309 4.41 -8.63 -9.56
CA CYS A 309 5.31 -8.51 -10.74
C CYS A 309 4.69 -7.54 -11.76
N ILE A 310 3.39 -7.68 -12.02
CA ILE A 310 2.57 -6.73 -12.82
C ILE A 310 2.71 -5.34 -12.20
N LYS A 311 2.26 -5.20 -10.95
CA LYS A 311 2.31 -3.94 -10.16
C LYS A 311 3.67 -3.26 -10.33
N GLU A 312 4.76 -4.04 -10.27
CA GLU A 312 6.15 -3.53 -10.31
C GLU A 312 6.51 -3.09 -11.73
N THR A 313 5.86 -3.70 -12.72
CA THR A 313 6.05 -3.40 -14.17
C THR A 313 5.38 -2.07 -14.50
N LEU A 314 4.09 -1.93 -14.17
CA LEU A 314 3.30 -0.69 -14.39
C LEU A 314 3.95 0.48 -13.65
N ARG A 315 4.73 0.19 -12.61
CA ARG A 315 5.49 1.20 -11.83
C ARG A 315 6.59 1.79 -12.71
N LEU A 316 7.27 0.93 -13.48
CA LEU A 316 8.50 1.29 -14.23
C LEU A 316 8.18 1.52 -15.72
N ARG A 317 7.12 0.88 -16.22
CA ARG A 317 6.69 0.98 -17.64
C ARG A 317 5.18 1.19 -17.70
N PRO A 318 4.63 2.23 -17.03
CA PRO A 318 3.22 2.56 -17.18
C PRO A 318 2.92 2.92 -18.63
N PRO A 319 1.83 2.40 -19.24
CA PRO A 319 1.57 2.60 -20.66
C PRO A 319 1.20 4.06 -20.97
N ILE A 320 0.35 4.66 -20.13
CA ILE A 320 -0.03 6.10 -20.22
C ILE A 320 0.94 6.92 -19.37
N MET A 321 2.00 7.46 -19.99
CA MET A 321 3.11 8.14 -19.28
C MET A 321 2.63 9.47 -18.69
N ILE A 322 1.75 10.19 -19.39
CA ILE A 322 1.32 11.56 -19.00
C ILE A 322 -0.20 11.70 -19.19
N MET A 323 -0.88 12.19 -18.14
CA MET A 323 -2.30 12.65 -18.19
C MET A 323 -2.31 14.17 -18.00
N MET A 324 -3.00 14.91 -18.88
CA MET A 324 -2.98 16.39 -18.86
C MET A 324 -4.39 16.96 -19.00
N ARG A 325 -4.60 18.15 -18.43
CA ARG A 325 -5.89 18.88 -18.42
C ARG A 325 -5.66 20.33 -18.90
N MET A 326 -6.70 20.96 -19.44
CA MET A 326 -6.73 22.42 -19.72
C MET A 326 -7.26 23.15 -18.49
N ALA A 327 -6.50 24.13 -17.99
CA ALA A 327 -6.89 24.99 -16.85
C ALA A 327 -7.91 26.03 -17.31
N ARG A 328 -9.16 25.89 -16.86
CA ARG A 328 -10.29 26.80 -17.21
C ARG A 328 -10.35 27.96 -16.22
N THR A 329 -9.91 27.72 -14.98
CA THR A 329 -9.92 28.70 -13.87
C THR A 329 -8.61 28.60 -13.10
N PRO A 330 -8.23 29.62 -12.31
CA PRO A 330 -7.03 29.55 -11.47
C PRO A 330 -7.06 28.32 -10.57
N GLN A 331 -5.88 27.74 -10.30
CA GLN A 331 -5.72 26.53 -9.44
C GLN A 331 -4.40 26.63 -8.66
N THR A 332 -4.47 26.72 -7.34
CA THR A 332 -3.30 26.91 -6.44
C THR A 332 -2.82 25.55 -5.91
N VAL A 333 -1.49 25.38 -5.85
CA VAL A 333 -0.80 24.17 -5.31
C VAL A 333 0.65 24.57 -4.97
N ALA A 334 1.08 24.27 -3.75
CA ALA A 334 2.46 24.54 -3.26
C ALA A 334 2.77 26.04 -3.37
N GLY A 335 1.75 26.89 -3.17
CA GLY A 335 1.91 28.36 -3.09
C GLY A 335 1.92 29.00 -4.47
N TYR A 336 1.78 28.20 -5.52
CA TYR A 336 1.76 28.66 -6.95
C TYR A 336 0.31 28.74 -7.43
N THR A 337 0.01 29.74 -8.27
CA THR A 337 -1.31 29.94 -8.92
C THR A 337 -1.18 29.70 -10.43
N ILE A 338 -1.59 28.52 -10.89
CA ILE A 338 -1.63 28.14 -12.34
C ILE A 338 -2.78 28.90 -12.99
N PRO A 339 -2.49 29.78 -13.98
CA PRO A 339 -3.54 30.58 -14.62
C PRO A 339 -4.31 29.80 -15.67
N PRO A 340 -5.55 30.22 -16.01
CA PRO A 340 -6.30 29.59 -17.10
C PRO A 340 -5.48 29.59 -18.40
N GLY A 341 -5.60 28.52 -19.20
CA GLY A 341 -4.95 28.40 -20.52
C GLY A 341 -3.79 27.42 -20.50
N HIS A 342 -3.11 27.32 -19.36
CA HIS A 342 -2.01 26.34 -19.12
C HIS A 342 -2.55 24.92 -19.34
N GLN A 343 -1.73 24.03 -19.90
CA GLN A 343 -2.06 22.58 -20.02
C GLN A 343 -1.36 21.82 -18.88
N VAL A 344 -2.10 21.65 -17.77
CA VAL A 344 -1.61 21.03 -16.50
C VAL A 344 -1.40 19.53 -16.73
N CYS A 345 -0.18 19.04 -16.48
CA CYS A 345 0.24 17.64 -16.77
C CYS A 345 0.70 16.93 -15.48
N VAL A 346 0.47 15.62 -15.42
CA VAL A 346 1.03 14.71 -14.37
C VAL A 346 1.73 13.54 -15.07
N SER A 347 2.77 12.98 -14.44
CA SER A 347 3.57 11.84 -14.98
C SER A 347 3.58 10.70 -13.98
N PRO A 348 2.75 9.65 -14.19
CA PRO A 348 2.88 8.40 -13.45
C PRO A 348 4.34 7.92 -13.39
N THR A 349 5.00 7.96 -14.55
CA THR A 349 6.38 7.44 -14.77
C THR A 349 7.35 8.12 -13.79
N VAL A 350 7.33 9.45 -13.75
CA VAL A 350 8.19 10.28 -12.86
C VAL A 350 7.79 10.00 -11.40
N ASN A 351 6.49 10.09 -11.10
CA ASN A 351 5.92 9.95 -9.74
C ASN A 351 6.30 8.58 -9.15
N GLN A 352 6.53 7.59 -10.01
CA GLN A 352 6.64 6.16 -9.61
C GLN A 352 8.11 5.72 -9.60
N ARG A 353 9.05 6.67 -9.66
CA ARG A 353 10.50 6.38 -9.55
C ARG A 353 11.25 7.58 -8.98
N LEU A 354 10.54 8.45 -8.24
CA LEU A 354 11.16 9.63 -7.59
C LEU A 354 12.09 9.17 -6.46
N LYS A 355 13.39 9.43 -6.65
CA LYS A 355 14.50 9.04 -5.74
C LYS A 355 14.09 9.29 -4.29
N ASP A 356 13.57 10.49 -4.02
CA ASP A 356 13.25 10.96 -2.65
C ASP A 356 12.26 9.99 -2.01
N SER A 357 11.37 9.38 -2.80
CA SER A 357 10.30 8.48 -2.28
C SER A 357 10.54 7.02 -2.69
N TRP A 358 11.52 6.72 -3.54
CA TRP A 358 11.72 5.32 -3.98
C TRP A 358 13.15 4.84 -3.69
N VAL A 359 13.27 3.89 -2.76
CA VAL A 359 14.53 3.10 -2.53
C VAL A 359 14.80 2.28 -3.80
N GLU A 360 16.07 2.23 -4.24
CA GLU A 360 16.50 1.42 -5.41
C GLU A 360 15.48 1.60 -6.53
N ARG A 361 15.36 2.82 -7.08
CA ARG A 361 14.15 3.28 -7.82
C ARG A 361 14.11 2.68 -9.23
N LEU A 362 15.27 2.28 -9.77
CA LEU A 362 15.38 1.73 -11.15
C LEU A 362 15.16 0.21 -11.13
N ASP A 363 15.28 -0.41 -9.95
CA ASP A 363 15.31 -1.90 -9.79
C ASP A 363 13.89 -2.47 -9.96
N PHE A 364 13.80 -3.66 -10.55
CA PHE A 364 12.56 -4.49 -10.64
C PHE A 364 12.55 -5.50 -9.49
N ASN A 365 12.22 -5.07 -8.27
CA ASN A 365 12.07 -5.98 -7.11
C ASN A 365 10.62 -5.94 -6.63
N PRO A 366 9.77 -6.87 -7.11
CA PRO A 366 8.33 -6.88 -6.79
C PRO A 366 7.97 -7.09 -5.32
N ASP A 367 8.97 -7.38 -4.47
CA ASP A 367 8.78 -7.67 -3.02
C ASP A 367 8.81 -6.36 -2.23
N ARG A 368 9.03 -5.23 -2.92
CA ARG A 368 9.14 -3.89 -2.31
C ARG A 368 7.76 -3.46 -1.76
N TYR A 369 6.70 -4.21 -2.10
CA TYR A 369 5.30 -3.93 -1.70
C TYR A 369 4.89 -4.82 -0.52
N LEU A 370 5.86 -5.46 0.13
CA LEU A 370 5.64 -6.32 1.33
C LEU A 370 6.17 -5.59 2.57
N GLN A 371 6.52 -4.30 2.40
CA GLN A 371 6.85 -3.37 3.51
C GLN A 371 6.21 -2.00 3.22
N ASP A 372 6.41 -1.03 4.11
CA ASP A 372 5.99 0.38 3.90
C ASP A 372 6.57 0.88 2.58
N ASN A 373 5.73 1.40 1.69
CA ASN A 373 6.12 1.83 0.32
C ASN A 373 5.16 2.90 -0.18
N PRO A 374 5.59 3.78 -1.11
CA PRO A 374 4.79 4.94 -1.50
C PRO A 374 3.43 4.60 -2.13
N ALA A 375 3.25 3.36 -2.58
CA ALA A 375 1.99 2.86 -3.18
C ALA A 375 0.88 2.92 -2.11
N SER A 376 1.17 2.37 -0.93
CA SER A 376 0.25 2.34 0.25
C SER A 376 0.60 3.50 1.19
N GLY A 377 1.82 4.04 1.07
CA GLY A 377 2.36 5.10 1.95
C GLY A 377 1.85 6.47 1.53
N GLU A 378 1.91 6.75 0.22
CA GLU A 378 1.58 8.08 -0.37
C GLU A 378 0.27 7.98 -1.17
N LYS A 379 -0.43 9.10 -1.35
CA LYS A 379 -1.75 9.16 -2.02
C LYS A 379 -1.55 8.95 -3.53
N PHE A 380 -0.56 9.60 -4.13
CA PHE A 380 -0.39 9.71 -5.60
C PHE A 380 1.04 9.41 -6.05
N ALA A 381 1.83 8.70 -5.23
CA ALA A 381 3.17 8.22 -5.62
C ALA A 381 3.03 7.13 -6.69
N TYR A 382 1.98 6.31 -6.59
CA TYR A 382 1.64 5.20 -7.53
C TYR A 382 0.25 5.47 -8.14
N VAL A 383 0.17 5.66 -9.46
CA VAL A 383 -1.08 6.10 -10.15
C VAL A 383 -1.08 5.60 -11.60
N PRO A 384 -0.66 4.35 -11.88
CA PRO A 384 -0.66 3.84 -13.25
C PRO A 384 -2.07 3.70 -13.83
N PHE A 385 -3.10 3.77 -12.99
CA PHE A 385 -4.53 3.75 -13.38
C PHE A 385 -5.17 5.11 -13.05
N GLY A 386 -4.37 6.04 -12.54
CA GLY A 386 -4.77 7.43 -12.25
C GLY A 386 -5.57 7.51 -10.96
N ALA A 387 -6.49 8.48 -10.88
CA ALA A 387 -7.29 8.80 -9.68
C ALA A 387 -8.35 9.87 -10.03
N GLY A 388 -9.26 10.15 -9.09
CA GLY A 388 -10.33 11.16 -9.25
C GLY A 388 -11.36 10.74 -10.28
N ARG A 389 -12.01 11.70 -10.93
CA ARG A 389 -13.23 11.49 -11.76
C ARG A 389 -12.86 10.85 -13.09
N HIS A 390 -11.57 10.84 -13.45
CA HIS A 390 -11.06 10.33 -14.75
C HIS A 390 -10.27 9.03 -14.55
N ARG A 391 -10.18 8.54 -13.31
CA ARG A 391 -9.44 7.30 -12.97
C ARG A 391 -9.95 6.16 -13.86
N CYS A 392 -9.17 5.08 -13.98
CA CYS A 392 -9.45 3.91 -14.86
C CYS A 392 -10.56 3.05 -14.25
N ILE A 393 -11.46 2.53 -15.10
CA ILE A 393 -12.54 1.57 -14.70
C ILE A 393 -12.12 0.17 -15.13
N GLY A 394 -10.96 0.04 -15.78
CA GLY A 394 -10.51 -1.21 -16.41
C GLY A 394 -9.36 -1.85 -15.66
N GLU A 395 -9.08 -1.36 -14.45
CA GLU A 395 -7.93 -1.82 -13.61
C GLU A 395 -8.06 -3.32 -13.35
N ASN A 396 -9.28 -3.79 -13.05
CA ASN A 396 -9.54 -5.20 -12.64
C ASN A 396 -9.45 -6.11 -13.86
N PHE A 397 -10.21 -5.81 -14.93
CA PHE A 397 -10.19 -6.57 -16.20
C PHE A 397 -8.74 -6.71 -16.69
N ALA A 398 -7.99 -5.59 -16.65
CA ALA A 398 -6.57 -5.52 -17.05
C ALA A 398 -5.78 -6.63 -16.32
N TYR A 399 -5.83 -6.62 -15.00
CA TYR A 399 -5.11 -7.58 -14.11
C TYR A 399 -5.56 -9.01 -14.44
N VAL A 400 -6.88 -9.23 -14.50
CA VAL A 400 -7.48 -10.53 -14.94
C VAL A 400 -6.77 -11.00 -16.21
N GLN A 401 -6.80 -10.15 -17.25
CA GLN A 401 -6.25 -10.44 -18.60
C GLN A 401 -4.75 -10.75 -18.49
N ILE A 402 -3.99 -9.83 -17.89
CA ILE A 402 -2.50 -9.91 -17.82
C ILE A 402 -2.09 -11.16 -17.03
N LYS A 403 -2.83 -11.46 -15.94
CA LYS A 403 -2.58 -12.65 -15.08
C LYS A 403 -2.78 -13.91 -15.92
N THR A 404 -4.00 -14.12 -16.43
CA THR A 404 -4.43 -15.33 -17.17
C THR A 404 -3.41 -15.65 -18.27
N ILE A 405 -3.18 -14.68 -19.17
CA ILE A 405 -2.27 -14.82 -20.35
C ILE A 405 -0.89 -15.29 -19.88
N TRP A 406 -0.27 -14.54 -18.95
CA TRP A 406 1.12 -14.79 -18.49
C TRP A 406 1.18 -16.05 -17.62
N SER A 407 0.14 -16.29 -16.81
CA SER A 407 -0.07 -17.58 -16.10
C SER A 407 0.08 -18.73 -17.09
N THR A 408 -0.69 -18.68 -18.18
CA THR A 408 -0.73 -19.69 -19.27
C THR A 408 0.63 -19.72 -19.98
N MET A 409 1.25 -18.55 -20.20
CA MET A 409 2.52 -18.39 -20.94
C MET A 409 3.66 -19.06 -20.14
N LEU A 410 3.82 -18.69 -18.87
CA LEU A 410 4.83 -19.29 -17.95
C LEU A 410 4.72 -20.81 -18.01
N ARG A 411 3.49 -21.33 -17.93
CA ARG A 411 3.20 -22.79 -17.96
C ARG A 411 3.71 -23.39 -19.29
N LEU A 412 3.61 -22.61 -20.38
CA LEU A 412 3.87 -23.09 -21.76
C LEU A 412 5.38 -23.03 -22.07
N TYR A 413 6.09 -22.02 -21.57
CA TYR A 413 7.50 -21.74 -21.97
C TYR A 413 8.35 -21.21 -20.80
N GLU A 414 9.67 -21.30 -20.99
CA GLU A 414 10.71 -20.56 -20.22
C GLU A 414 11.34 -19.50 -21.13
N PHE A 415 11.47 -18.25 -20.64
CA PHE A 415 11.86 -17.07 -21.44
C PHE A 415 13.25 -16.57 -21.02
N ASP A 416 13.98 -15.97 -21.95
CA ASP A 416 15.40 -15.55 -21.76
C ASP A 416 15.74 -14.40 -22.71
N LEU A 417 16.68 -13.53 -22.30
CA LEU A 417 17.23 -12.43 -23.15
C LEU A 417 18.04 -13.03 -24.30
N ILE A 418 18.25 -12.26 -25.37
CA ILE A 418 19.11 -12.64 -26.54
C ILE A 418 20.43 -11.89 -26.44
N ASP A 419 21.51 -12.61 -26.10
CA ASP A 419 22.87 -12.05 -25.91
C ASP A 419 22.85 -11.02 -24.76
N GLY A 420 21.93 -11.19 -23.81
CA GLY A 420 21.84 -10.35 -22.61
C GLY A 420 21.45 -8.92 -22.95
N TYR A 421 20.72 -8.73 -24.06
CA TYR A 421 20.13 -7.43 -24.47
C TYR A 421 18.80 -7.22 -23.74
N PHE A 422 18.61 -6.04 -23.15
CA PHE A 422 17.34 -5.61 -22.52
C PHE A 422 16.77 -4.42 -23.28
N PRO A 423 15.56 -4.55 -23.89
CA PRO A 423 14.99 -3.48 -24.70
C PRO A 423 15.03 -2.10 -24.02
N THR A 424 15.58 -1.11 -24.72
CA THR A 424 15.48 0.33 -24.37
C THR A 424 14.09 0.84 -24.81
N VAL A 425 13.71 2.04 -24.37
CA VAL A 425 12.36 2.62 -24.62
C VAL A 425 12.38 3.39 -25.95
N ASN A 426 11.48 3.04 -26.87
CA ASN A 426 11.27 3.76 -28.15
C ASN A 426 10.18 4.82 -27.96
N TYR A 427 10.58 6.08 -27.87
CA TYR A 427 9.70 7.22 -27.48
C TYR A 427 8.97 7.78 -28.70
N THR A 428 9.19 7.17 -29.87
CA THR A 428 8.72 7.69 -31.18
C THR A 428 7.25 7.35 -31.40
N THR A 429 6.80 6.19 -30.87
CA THR A 429 5.38 5.76 -30.87
C THR A 429 4.60 6.61 -29.85
N MET A 430 3.27 6.51 -29.84
CA MET A 430 2.39 7.22 -28.88
C MET A 430 2.53 6.55 -27.51
N ILE A 431 2.17 5.26 -27.42
CA ILE A 431 2.55 4.36 -26.29
C ILE A 431 3.97 3.84 -26.54
N HIS A 432 4.91 4.18 -25.66
CA HIS A 432 6.35 3.79 -25.77
C HIS A 432 6.46 2.27 -25.94
N THR A 433 7.09 1.82 -27.02
CA THR A 433 7.27 0.37 -27.36
C THR A 433 8.71 -0.03 -27.09
N PRO A 434 8.97 -1.31 -26.74
CA PRO A 434 10.33 -1.79 -26.49
C PRO A 434 11.13 -1.94 -27.79
N GLU A 435 12.31 -1.29 -27.83
CA GLU A 435 13.26 -1.34 -28.98
C GLU A 435 13.71 -2.78 -29.20
N ASN A 436 13.36 -3.36 -30.35
CA ASN A 436 13.80 -4.72 -30.77
C ASN A 436 13.31 -5.74 -29.76
N PRO A 437 11.99 -5.88 -29.55
CA PRO A 437 11.46 -6.75 -28.50
C PRO A 437 11.29 -8.20 -28.94
N VAL A 438 12.38 -8.82 -29.41
CA VAL A 438 12.45 -10.28 -29.70
C VAL A 438 13.03 -11.00 -28.48
N ILE A 439 12.45 -12.14 -28.10
CA ILE A 439 12.81 -12.91 -26.87
C ILE A 439 13.21 -14.33 -27.26
N ARG A 440 14.09 -14.96 -26.46
CA ARG A 440 14.43 -16.40 -26.56
C ARG A 440 13.49 -17.20 -25.66
N TYR A 441 12.90 -18.29 -26.18
CA TYR A 441 11.97 -19.17 -25.44
C TYR A 441 12.30 -20.64 -25.74
N LYS A 442 11.73 -21.55 -24.93
CA LYS A 442 11.80 -23.02 -25.12
C LYS A 442 10.80 -23.68 -24.16
N ARG A 443 10.30 -24.87 -24.52
CA ARG A 443 9.25 -25.59 -23.74
C ARG A 443 9.63 -25.60 -22.26
N ARG A 444 8.64 -25.45 -21.38
CA ARG A 444 8.82 -25.47 -19.89
C ARG A 444 8.98 -26.93 -19.43
N SER A 445 10.02 -27.20 -18.64
CA SER A 445 10.37 -28.55 -18.12
C SER A 445 9.86 -29.63 -19.09
N LYS B 2 5.04 -36.36 10.90
CA LYS B 2 4.68 -35.11 10.19
C LYS B 2 4.47 -33.98 11.21
N LEU B 3 4.13 -34.34 12.45
CA LEU B 3 3.84 -33.39 13.56
C LEU B 3 5.15 -32.88 14.16
N PRO B 4 5.27 -31.58 14.47
CA PRO B 4 6.49 -31.05 15.08
C PRO B 4 6.82 -31.79 16.37
N PRO B 5 8.11 -31.87 16.76
CA PRO B 5 8.47 -32.48 18.04
C PRO B 5 7.66 -31.88 19.18
N TYR B 6 7.28 -32.71 20.16
CA TYR B 6 6.48 -32.30 21.35
C TYR B 6 7.38 -32.32 22.59
N ILE B 7 7.53 -31.17 23.24
CA ILE B 7 8.19 -31.07 24.57
C ILE B 7 7.20 -31.58 25.62
N PHE B 8 7.41 -32.80 26.12
CA PHE B 8 6.47 -33.48 27.04
C PHE B 8 6.33 -32.65 28.33
N SER B 9 5.07 -32.37 28.69
CA SER B 9 4.68 -31.55 29.86
C SER B 9 5.12 -32.26 31.14
N PRO B 10 5.85 -31.56 32.03
CA PRO B 10 6.25 -32.14 33.32
C PRO B 10 5.03 -32.41 34.22
N ILE B 11 4.01 -31.56 34.10
CA ILE B 11 2.73 -31.65 34.86
C ILE B 11 1.57 -31.76 33.87
N PRO B 12 0.55 -32.60 34.13
CA PRO B 12 -0.45 -32.93 33.12
C PRO B 12 -1.24 -31.78 32.46
N PHE B 13 -1.74 -30.81 33.23
CA PHE B 13 -2.60 -29.73 32.67
C PHE B 13 -1.78 -28.46 32.43
N LEU B 14 -1.04 -28.06 33.46
CA LEU B 14 -0.12 -26.88 33.42
C LEU B 14 1.27 -27.37 32.99
N GLY B 15 1.36 -27.97 31.80
CA GLY B 15 2.57 -28.67 31.36
C GLY B 15 3.82 -27.85 31.65
N HIS B 16 3.90 -26.65 31.09
CA HIS B 16 5.09 -25.77 31.19
C HIS B 16 4.67 -24.36 31.65
N ALA B 17 3.39 -24.19 31.99
CA ALA B 17 2.80 -22.87 32.33
C ALA B 17 3.69 -22.17 33.35
N ILE B 18 4.14 -22.87 34.38
CA ILE B 18 4.92 -22.30 35.52
C ILE B 18 6.28 -21.82 35.00
N ALA B 19 7.00 -22.70 34.29
CA ALA B 19 8.36 -22.42 33.76
C ALA B 19 8.32 -21.23 32.80
N PHE B 20 7.39 -21.25 31.84
CA PHE B 20 7.20 -20.17 30.83
C PHE B 20 6.88 -18.85 31.55
N GLY B 21 5.90 -18.89 32.46
CA GLY B 21 5.46 -17.73 33.25
C GLY B 21 6.63 -17.02 33.91
N LYS B 22 7.59 -17.78 34.43
CA LYS B 22 8.80 -17.25 35.12
C LYS B 22 9.72 -16.56 34.11
N SER B 23 10.27 -17.33 33.16
CA SER B 23 11.27 -16.87 32.16
C SER B 23 10.91 -17.42 30.78
N PRO B 24 9.99 -16.75 30.05
CA PRO B 24 9.50 -17.27 28.77
C PRO B 24 10.54 -17.21 27.64
N ILE B 25 11.38 -16.17 27.64
CA ILE B 25 12.44 -15.97 26.61
C ILE B 25 13.51 -17.04 26.81
N GLU B 26 14.06 -17.11 28.04
CA GLU B 26 15.00 -18.17 28.48
C GLU B 26 14.40 -19.55 28.13
N PHE B 27 13.11 -19.75 28.41
CA PHE B 27 12.36 -21.00 28.11
C PHE B 27 12.44 -21.27 26.60
N LEU B 28 12.13 -20.25 25.80
CA LEU B 28 12.03 -20.35 24.32
C LEU B 28 13.44 -20.45 23.72
N GLU B 29 14.45 -19.90 24.41
CA GLU B 29 15.87 -19.94 23.97
C GLU B 29 16.43 -21.34 24.22
N ASN B 30 16.15 -21.91 25.40
CA ASN B 30 16.58 -23.29 25.78
C ASN B 30 15.84 -24.30 24.88
N ALA B 31 14.59 -24.00 24.53
CA ALA B 31 13.73 -24.83 23.65
C ALA B 31 14.31 -24.86 22.24
N TYR B 32 14.74 -23.69 21.74
CA TYR B 32 15.30 -23.53 20.37
C TYR B 32 16.48 -24.49 20.19
N GLU B 33 17.44 -24.42 21.11
CA GLU B 33 18.73 -25.16 21.04
C GLU B 33 18.46 -26.66 21.01
N LYS B 34 17.43 -27.12 21.73
CA LYS B 34 17.27 -28.54 22.14
C LYS B 34 16.31 -29.27 21.19
N TYR B 35 15.40 -28.56 20.51
CA TYR B 35 14.35 -29.14 19.64
C TYR B 35 14.36 -28.49 18.26
N GLY B 36 15.06 -27.36 18.13
CA GLY B 36 15.20 -26.63 16.84
C GLY B 36 14.23 -25.47 16.75
N PRO B 37 13.85 -25.05 15.52
CA PRO B 37 13.06 -23.83 15.33
C PRO B 37 11.54 -24.03 15.44
N VAL B 38 11.08 -25.28 15.27
CA VAL B 38 9.64 -25.64 15.25
C VAL B 38 9.40 -26.71 16.31
N PHE B 39 8.49 -26.46 17.26
CA PHE B 39 8.12 -27.40 18.35
C PHE B 39 6.72 -27.08 18.89
N SER B 40 6.10 -28.08 19.51
CA SER B 40 4.78 -27.99 20.20
C SER B 40 4.98 -28.27 21.69
N PHE B 41 4.24 -27.55 22.56
CA PHE B 41 4.19 -27.82 24.03
C PHE B 41 2.84 -27.33 24.58
N THR B 42 2.45 -27.87 25.74
CA THR B 42 1.13 -27.62 26.39
C THR B 42 1.26 -26.55 27.48
N MET B 43 0.24 -25.69 27.60
CA MET B 43 -0.01 -24.82 28.78
C MET B 43 -1.51 -24.77 29.06
N VAL B 44 -1.93 -25.19 30.25
CA VAL B 44 -3.34 -25.06 30.72
C VAL B 44 -4.25 -25.73 29.69
N GLY B 45 -3.84 -26.91 29.21
CA GLY B 45 -4.64 -27.78 28.33
C GLY B 45 -4.74 -27.22 26.91
N LYS B 46 -3.88 -26.25 26.56
CA LYS B 46 -3.74 -25.72 25.18
C LYS B 46 -2.37 -26.13 24.63
N THR B 47 -2.34 -26.58 23.36
CA THR B 47 -1.08 -26.91 22.64
C THR B 47 -0.62 -25.70 21.82
N PHE B 48 0.56 -25.18 22.13
CA PHE B 48 1.22 -24.05 21.40
C PHE B 48 2.35 -24.60 20.53
N THR B 49 2.29 -24.36 19.22
CA THR B 49 3.42 -24.58 18.28
C THR B 49 4.11 -23.25 18.01
N TYR B 50 5.44 -23.22 18.10
CA TYR B 50 6.26 -21.99 17.93
C TYR B 50 7.10 -22.08 16.66
N LEU B 51 7.44 -20.90 16.13
CA LEU B 51 8.25 -20.72 14.89
C LEU B 51 9.37 -19.71 15.18
N LEU B 52 10.57 -20.21 15.46
CA LEU B 52 11.75 -19.38 15.79
C LEU B 52 12.72 -19.35 14.59
N GLY B 53 13.50 -18.28 14.50
CA GLY B 53 14.32 -17.96 13.30
C GLY B 53 13.46 -17.48 12.15
N SER B 54 14.07 -16.72 11.22
CA SER B 54 13.39 -16.06 10.08
C SER B 54 12.55 -17.07 9.29
N ASP B 55 13.16 -18.20 8.92
CA ASP B 55 12.61 -19.16 7.93
C ASP B 55 11.35 -19.82 8.49
N ALA B 56 11.37 -20.20 9.77
CA ALA B 56 10.21 -20.79 10.48
C ALA B 56 9.12 -19.73 10.65
N ALA B 57 9.49 -18.57 11.20
CA ALA B 57 8.59 -17.42 11.47
C ALA B 57 7.75 -17.10 10.22
N ALA B 58 8.38 -17.11 9.04
CA ALA B 58 7.78 -16.66 7.76
C ALA B 58 6.39 -17.28 7.58
N LEU B 59 6.24 -18.57 7.90
CA LEU B 59 4.96 -19.30 7.72
C LEU B 59 3.82 -18.45 8.28
N LEU B 60 4.01 -17.86 9.46
CA LEU B 60 3.00 -17.03 10.15
C LEU B 60 2.81 -15.71 9.40
N PHE B 61 3.92 -15.07 9.01
CA PHE B 61 3.93 -13.71 8.40
C PHE B 61 3.35 -13.76 6.98
N ASN B 62 3.57 -14.86 6.26
CA ASN B 62 3.25 -15.00 4.82
C ASN B 62 1.88 -15.65 4.63
N SER B 63 1.25 -16.09 5.72
CA SER B 63 0.00 -16.90 5.70
C SER B 63 -1.21 -15.98 5.50
N LYS B 64 -2.33 -16.57 5.06
CA LYS B 64 -3.65 -15.90 4.95
C LYS B 64 -4.36 -15.99 6.31
N ASN B 65 -5.42 -15.21 6.50
CA ASN B 65 -6.21 -15.16 7.77
C ASN B 65 -7.12 -16.38 7.84
N GLU B 66 -7.38 -17.02 6.69
CA GLU B 66 -8.26 -18.22 6.58
C GLU B 66 -7.49 -19.44 7.10
N ASP B 67 -6.22 -19.57 6.71
CA ASP B 67 -5.33 -20.71 7.11
C ASP B 67 -4.86 -20.48 8.55
N LEU B 68 -4.17 -19.35 8.79
CA LEU B 68 -3.80 -18.88 10.15
C LEU B 68 -4.71 -17.71 10.55
N ASN B 69 -5.51 -17.88 11.60
CA ASN B 69 -6.58 -16.91 11.99
C ASN B 69 -6.16 -16.16 13.26
N ALA B 70 -6.33 -14.83 13.25
CA ALA B 70 -6.07 -13.93 14.40
C ALA B 70 -7.31 -13.83 15.29
N GLU B 71 -8.47 -13.55 14.69
CA GLU B 71 -9.77 -13.39 15.43
C GLU B 71 -9.87 -14.46 16.52
N ASP B 72 -9.70 -15.72 16.12
CA ASP B 72 -9.92 -16.91 16.99
C ASP B 72 -9.25 -16.66 18.35
N VAL B 73 -8.01 -16.17 18.35
CA VAL B 73 -7.13 -16.13 19.55
C VAL B 73 -7.26 -14.78 20.27
N TYR B 74 -7.60 -13.70 19.55
CA TYR B 74 -7.53 -12.30 20.06
C TYR B 74 -8.93 -11.77 20.38
N SER B 75 -9.91 -12.14 19.54
CA SER B 75 -11.31 -11.64 19.56
C SER B 75 -11.84 -11.46 20.99
N ARG B 76 -11.74 -12.50 21.83
CA ARG B 76 -12.47 -12.59 23.13
C ARG B 76 -12.00 -11.49 24.07
N LEU B 77 -10.81 -10.93 23.85
CA LEU B 77 -10.16 -9.96 24.79
C LEU B 77 -10.33 -8.53 24.26
N THR B 78 -10.15 -8.34 22.95
CA THR B 78 -10.11 -6.99 22.30
C THR B 78 -11.53 -6.41 22.21
N THR B 79 -12.49 -7.25 21.80
CA THR B 79 -13.88 -6.81 21.48
C THR B 79 -14.46 -6.07 22.68
N PRO B 80 -14.33 -6.61 23.92
CA PRO B 80 -14.80 -5.91 25.11
C PRO B 80 -14.20 -4.51 25.26
N VAL B 81 -12.94 -4.34 24.82
CA VAL B 81 -12.12 -3.11 25.04
C VAL B 81 -12.37 -2.11 23.91
N PHE B 82 -12.05 -2.51 22.67
CA PHE B 82 -12.17 -1.68 21.45
C PHE B 82 -13.66 -1.43 21.15
N GLY B 83 -14.49 -2.44 21.36
CA GLY B 83 -15.94 -2.41 21.04
C GLY B 83 -16.24 -3.18 19.78
N LYS B 84 -17.51 -3.16 19.34
CA LYS B 84 -18.04 -4.03 18.26
C LYS B 84 -17.69 -3.44 16.89
N GLY B 85 -17.87 -4.22 15.82
CA GLY B 85 -17.77 -3.78 14.41
C GLY B 85 -16.39 -3.26 14.07
N VAL B 86 -15.39 -3.57 14.89
CA VAL B 86 -13.98 -3.11 14.71
C VAL B 86 -13.03 -4.25 15.06
N ALA B 87 -11.82 -4.24 14.46
CA ALA B 87 -10.71 -5.15 14.77
C ALA B 87 -11.11 -6.61 14.50
N TYR B 88 -11.11 -7.44 15.54
CA TYR B 88 -11.29 -8.91 15.46
C TYR B 88 -12.75 -9.27 15.69
N ASP B 89 -13.64 -8.26 15.70
CA ASP B 89 -15.11 -8.44 15.78
C ASP B 89 -15.73 -8.36 14.38
N VAL B 90 -14.89 -8.32 13.34
CA VAL B 90 -15.32 -8.20 11.92
C VAL B 90 -14.47 -9.13 11.06
N PRO B 91 -14.96 -9.56 9.89
CA PRO B 91 -14.15 -10.29 8.93
C PRO B 91 -12.85 -9.52 8.65
N ASN B 92 -11.76 -10.22 8.35
CA ASN B 92 -10.41 -9.62 8.16
C ASN B 92 -10.48 -8.58 7.03
N PRO B 93 -11.08 -8.93 5.88
CA PRO B 93 -11.16 -7.98 4.76
C PRO B 93 -11.70 -6.61 5.18
N VAL B 94 -12.80 -6.61 5.95
CA VAL B 94 -13.36 -5.38 6.59
C VAL B 94 -12.23 -4.68 7.36
N PHE B 95 -11.60 -5.39 8.29
CA PHE B 95 -10.52 -4.86 9.17
C PHE B 95 -9.37 -4.32 8.32
N LEU B 96 -9.04 -5.01 7.22
CA LEU B 96 -7.98 -4.59 6.27
C LEU B 96 -8.34 -3.22 5.69
N GLU B 97 -9.59 -3.05 5.25
CA GLU B 97 -10.16 -1.74 4.82
C GLU B 97 -9.97 -0.73 5.94
N GLN B 98 -10.45 -1.06 7.15
CA GLN B 98 -10.37 -0.18 8.35
C GLN B 98 -8.92 0.25 8.58
N LYS B 99 -7.96 -0.51 8.07
CA LYS B 99 -6.50 -0.24 8.26
C LYS B 99 -6.01 0.70 7.15
N LYS B 100 -6.67 0.71 5.99
CA LYS B 100 -6.41 1.70 4.91
C LYS B 100 -6.91 3.07 5.37
N MET B 101 -8.11 3.12 5.94
CA MET B 101 -8.75 4.36 6.46
C MET B 101 -7.81 5.03 7.47
N LEU B 102 -7.32 4.26 8.44
CA LEU B 102 -6.42 4.76 9.52
C LEU B 102 -5.09 5.20 8.93
N LYS B 103 -4.53 4.41 7.99
CA LYS B 103 -3.16 4.62 7.44
C LYS B 103 -3.14 5.90 6.60
N SER B 104 -4.19 6.17 5.84
CA SER B 104 -4.37 7.40 5.02
C SER B 104 -4.13 8.63 5.90
N GLY B 105 -4.64 8.61 7.14
CA GLY B 105 -4.57 9.73 8.09
C GLY B 105 -3.18 9.93 8.65
N LEU B 106 -2.36 8.87 8.64
CA LEU B 106 -0.97 8.88 9.17
C LEU B 106 0.00 9.27 8.06
N ASN B 107 -0.15 10.48 7.51
CA ASN B 107 0.60 11.00 6.34
C ASN B 107 1.68 11.97 6.82
N ILE B 108 2.56 12.41 5.91
CA ILE B 108 3.67 13.36 6.21
C ILE B 108 3.08 14.73 6.54
N ALA B 109 1.97 15.10 5.88
CA ALA B 109 1.21 16.34 6.15
C ALA B 109 0.97 16.47 7.66
N HIS B 110 0.43 15.41 8.27
CA HIS B 110 -0.01 15.38 9.69
C HIS B 110 1.21 15.26 10.62
N PHE B 111 2.16 14.38 10.28
CA PHE B 111 3.41 14.18 11.05
C PHE B 111 4.07 15.55 11.30
N LYS B 112 4.22 16.34 10.24
CA LYS B 112 4.77 17.72 10.29
C LYS B 112 4.03 18.50 11.38
N GLN B 113 2.70 18.50 11.33
CA GLN B 113 1.82 19.19 12.32
C GLN B 113 2.07 18.61 13.71
N HIS B 114 2.30 17.29 13.79
CA HIS B 114 2.39 16.54 15.07
C HIS B 114 3.62 16.99 15.86
N VAL B 115 4.73 17.29 15.17
CA VAL B 115 6.08 17.47 15.79
C VAL B 115 6.06 18.72 16.69
N SER B 116 5.33 19.77 16.30
CA SER B 116 5.19 21.03 17.08
C SER B 116 4.24 20.80 18.26
N ILE B 117 3.30 19.87 18.11
CA ILE B 117 2.33 19.47 19.18
C ILE B 117 3.10 18.71 20.28
N ILE B 118 3.86 17.68 19.88
CA ILE B 118 4.53 16.72 20.80
C ILE B 118 5.58 17.46 21.63
N GLU B 119 6.45 18.24 20.96
CA GLU B 119 7.52 19.03 21.62
C GLU B 119 6.89 19.93 22.70
N LYS B 120 5.80 20.61 22.37
CA LYS B 120 5.07 21.50 23.30
C LYS B 120 4.56 20.67 24.49
N GLU B 121 3.78 19.62 24.21
CA GLU B 121 3.22 18.70 25.24
C GLU B 121 4.37 18.20 26.13
N THR B 122 5.51 17.91 25.52
CA THR B 122 6.71 17.33 26.19
C THR B 122 7.28 18.35 27.18
N LYS B 123 7.64 19.54 26.68
CA LYS B 123 8.23 20.64 27.49
C LYS B 123 7.34 20.93 28.70
N GLU B 124 6.04 21.10 28.46
CA GLU B 124 5.06 21.58 29.48
C GLU B 124 4.84 20.51 30.55
N TYR B 125 4.97 19.23 30.20
CA TYR B 125 4.82 18.11 31.17
C TYR B 125 6.02 18.11 32.13
N PHE B 126 7.23 18.18 31.57
CA PHE B 126 8.51 17.99 32.31
C PHE B 126 8.91 19.29 33.01
N GLU B 127 7.99 20.25 33.09
CA GLU B 127 8.14 21.49 33.91
C GLU B 127 7.90 21.14 35.38
N SER B 128 7.33 19.95 35.63
CA SER B 128 6.94 19.45 36.98
C SER B 128 8.07 18.60 37.57
N TRP B 129 9.20 18.52 36.87
CA TRP B 129 10.39 17.73 37.28
C TRP B 129 11.45 18.67 37.89
N GLY B 130 11.27 19.98 37.72
CA GLY B 130 12.24 21.00 38.17
C GLY B 130 13.57 20.87 37.46
N GLU B 131 14.68 21.19 38.14
CA GLU B 131 16.04 21.23 37.55
C GLU B 131 16.69 19.84 37.65
N SER B 132 16.31 19.05 38.67
CA SER B 132 16.90 17.72 38.96
C SER B 132 16.02 16.92 39.93
N GLY B 133 16.24 15.61 40.00
CA GLY B 133 15.56 14.70 40.94
C GLY B 133 15.67 13.25 40.53
N GLU B 134 15.09 12.34 41.31
CA GLU B 134 14.99 10.89 41.01
C GLU B 134 13.50 10.50 40.90
N LYS B 135 12.99 10.34 39.68
CA LYS B 135 11.54 10.15 39.42
C LYS B 135 11.32 8.97 38.47
N ASN B 136 10.06 8.53 38.36
CA ASN B 136 9.62 7.36 37.54
C ASN B 136 9.38 7.81 36.10
N VAL B 137 10.33 7.55 35.20
CA VAL B 137 10.27 7.96 33.76
C VAL B 137 9.03 7.30 33.12
N PHE B 138 8.77 6.04 33.48
CA PHE B 138 7.72 5.19 32.86
C PHE B 138 6.33 5.71 33.23
N GLU B 139 6.14 6.10 34.50
CA GLU B 139 4.89 6.75 34.98
C GLU B 139 4.68 8.07 34.24
N ALA B 140 5.78 8.78 33.96
CA ALA B 140 5.79 10.11 33.31
C ALA B 140 5.57 9.94 31.81
N LEU B 141 6.28 8.99 31.19
CA LEU B 141 6.23 8.71 29.73
C LEU B 141 4.83 8.21 29.36
N SER B 142 4.26 7.33 30.18
CA SER B 142 2.87 6.81 30.03
C SER B 142 1.88 7.97 30.13
N GLU B 143 2.09 8.87 31.09
CA GLU B 143 1.21 10.06 31.33
C GLU B 143 1.37 11.04 30.17
N LEU B 144 2.60 11.30 29.73
CA LEU B 144 2.90 12.19 28.58
C LEU B 144 2.25 11.61 27.32
N ILE B 145 2.65 10.39 26.94
CA ILE B 145 2.28 9.75 25.65
C ILE B 145 0.77 9.82 25.44
N ILE B 146 -0.02 9.51 26.47
CA ILE B 146 -1.51 9.46 26.38
C ILE B 146 -2.00 10.82 25.89
N LEU B 147 -1.40 11.91 26.37
CA LEU B 147 -1.73 13.30 25.97
C LEU B 147 -1.27 13.51 24.52
N THR B 148 0.01 13.29 24.25
CA THR B 148 0.64 13.48 22.91
C THR B 148 -0.17 12.72 21.85
N ALA B 149 -0.49 11.45 22.13
CA ALA B 149 -1.25 10.54 21.23
C ALA B 149 -2.68 11.07 21.06
N SER B 150 -3.36 11.36 22.17
CA SER B 150 -4.75 11.86 22.20
C SER B 150 -4.84 13.20 21.45
N HIS B 151 -3.75 13.98 21.44
CA HIS B 151 -3.67 15.29 20.74
C HIS B 151 -3.55 15.04 19.24
N CYS B 152 -2.60 14.20 18.83
CA CYS B 152 -2.25 13.92 17.41
C CYS B 152 -3.35 13.08 16.75
N LEU B 153 -3.82 12.03 17.44
CA LEU B 153 -4.63 10.94 16.86
C LEU B 153 -6.13 11.28 16.97
N HIS B 154 -6.52 12.01 18.02
CA HIS B 154 -7.94 12.41 18.28
C HIS B 154 -8.15 13.88 17.91
N GLY B 155 -7.14 14.71 18.15
CA GLY B 155 -7.21 16.17 17.89
C GLY B 155 -7.35 16.98 19.17
N LYS B 156 -7.36 18.31 19.04
CA LYS B 156 -7.27 19.25 20.19
C LYS B 156 -8.55 19.17 21.03
N GLU B 157 -9.72 19.18 20.39
CA GLU B 157 -11.03 19.21 21.09
C GLU B 157 -11.08 18.07 22.12
N ILE B 158 -10.79 16.84 21.68
CA ILE B 158 -10.79 15.61 22.52
C ILE B 158 -9.66 15.71 23.54
N ARG B 159 -8.45 16.04 23.07
CA ARG B 159 -7.23 16.20 23.92
C ARG B 159 -7.52 17.18 25.06
N SER B 160 -8.35 18.19 24.81
CA SER B 160 -8.69 19.28 25.75
C SER B 160 -9.57 18.74 26.89
N GLN B 161 -10.22 17.60 26.67
CA GLN B 161 -11.17 16.97 27.62
C GLN B 161 -10.44 15.88 28.42
N LEU B 162 -9.15 15.70 28.15
CA LEU B 162 -8.32 14.62 28.75
C LEU B 162 -7.78 15.08 30.11
N ASN B 163 -8.64 15.03 31.13
CA ASN B 163 -8.28 15.21 32.56
C ASN B 163 -7.82 13.88 33.13
N GLU B 164 -7.57 13.80 34.44
CA GLU B 164 -7.11 12.56 35.11
C GLU B 164 -8.24 11.52 35.07
N LYS B 165 -9.50 11.97 35.11
CA LYS B 165 -10.68 11.06 35.14
C LYS B 165 -10.79 10.31 33.81
N VAL B 166 -10.39 10.95 32.71
CA VAL B 166 -10.44 10.36 31.33
C VAL B 166 -9.22 9.46 31.14
N ALA B 167 -8.07 9.86 31.71
CA ALA B 167 -6.80 9.10 31.71
C ALA B 167 -7.02 7.76 32.41
N GLN B 168 -7.62 7.79 33.61
CA GLN B 168 -7.89 6.58 34.45
C GLN B 168 -8.79 5.63 33.67
N LEU B 169 -9.86 6.15 33.07
CA LEU B 169 -10.84 5.36 32.27
C LEU B 169 -10.07 4.51 31.24
N TYR B 170 -9.00 5.08 30.67
CA TYR B 170 -8.13 4.40 29.66
C TYR B 170 -7.32 3.31 30.36
N ALA B 171 -6.77 3.62 31.54
CA ALA B 171 -6.11 2.66 32.45
C ALA B 171 -7.07 1.49 32.72
N ASP B 172 -8.36 1.81 32.88
CA ASP B 172 -9.44 0.83 33.16
C ASP B 172 -9.61 -0.11 31.96
N LEU B 173 -9.63 0.44 30.74
CA LEU B 173 -9.76 -0.33 29.48
C LEU B 173 -8.59 -1.33 29.38
N ASP B 174 -7.37 -0.86 29.64
CA ASP B 174 -6.13 -1.69 29.60
C ASP B 174 -6.31 -2.92 30.49
N GLY B 175 -6.99 -2.76 31.62
CA GLY B 175 -7.27 -3.85 32.59
C GLY B 175 -7.89 -5.05 31.90
N GLY B 176 -8.50 -4.83 30.74
CA GLY B 176 -9.12 -5.88 29.91
C GLY B 176 -8.07 -6.75 29.24
N PHE B 177 -6.86 -6.23 29.08
CA PHE B 177 -5.68 -6.95 28.54
C PHE B 177 -4.88 -7.54 29.72
N SER B 178 -5.38 -8.65 30.26
CA SER B 178 -4.77 -9.38 31.42
C SER B 178 -4.68 -10.87 31.10
N HIS B 179 -3.94 -11.62 31.92
CA HIS B 179 -3.91 -13.11 31.92
C HIS B 179 -5.27 -13.62 32.42
N ALA B 180 -5.83 -12.95 33.43
CA ALA B 180 -7.19 -13.22 33.98
C ALA B 180 -8.19 -13.27 32.82
N ALA B 181 -8.12 -12.28 31.92
CA ALA B 181 -9.09 -12.08 30.82
C ALA B 181 -9.24 -13.38 30.01
N TRP B 182 -8.12 -13.99 29.60
CA TRP B 182 -8.11 -15.17 28.70
C TRP B 182 -8.14 -16.47 29.51
N LEU B 183 -7.68 -16.43 30.77
CA LEU B 183 -7.61 -17.63 31.66
C LEU B 183 -9.02 -17.98 32.15
N LEU B 184 -9.74 -17.00 32.67
CA LEU B 184 -11.01 -17.19 33.42
C LEU B 184 -12.20 -16.81 32.57
N PRO B 185 -13.39 -17.44 32.77
CA PRO B 185 -14.60 -17.07 32.04
C PRO B 185 -15.00 -15.61 32.29
N GLY B 186 -15.48 -14.92 31.24
CA GLY B 186 -15.79 -13.48 31.28
C GLY B 186 -16.96 -13.18 32.19
N TRP B 187 -17.69 -14.20 32.65
CA TRP B 187 -18.95 -14.04 33.42
C TRP B 187 -18.65 -14.00 34.93
N LEU B 188 -17.39 -14.20 35.31
CA LEU B 188 -16.90 -13.94 36.70
C LEU B 188 -16.94 -12.44 36.95
N PRO B 189 -17.76 -11.95 37.90
CA PRO B 189 -17.84 -10.51 38.18
C PRO B 189 -16.54 -10.01 38.85
N LEU B 190 -15.44 -10.04 38.11
CA LEU B 190 -14.10 -9.54 38.55
C LEU B 190 -14.08 -8.01 38.44
N PRO B 191 -13.43 -7.32 39.41
CA PRO B 191 -13.38 -5.85 39.39
C PRO B 191 -12.76 -5.31 38.08
N SER B 192 -11.69 -5.96 37.62
CA SER B 192 -10.87 -5.53 36.45
C SER B 192 -11.70 -5.63 35.15
N PHE B 193 -12.61 -6.59 35.08
CA PHE B 193 -13.58 -6.74 33.95
C PHE B 193 -14.57 -5.58 33.99
N ARG B 194 -15.14 -5.34 35.17
CA ARG B 194 -16.31 -4.45 35.39
C ARG B 194 -15.87 -2.98 35.30
N ARG B 195 -14.59 -2.71 35.57
CA ARG B 195 -13.97 -1.38 35.33
C ARG B 195 -13.79 -1.18 33.83
N ARG B 196 -13.24 -2.19 33.15
CA ARG B 196 -13.09 -2.20 31.66
C ARG B 196 -14.44 -1.88 31.01
N ASP B 197 -15.46 -2.69 31.28
CA ASP B 197 -16.81 -2.58 30.69
C ASP B 197 -17.36 -1.16 30.95
N ARG B 198 -17.23 -0.69 32.19
CA ARG B 198 -17.69 0.66 32.61
C ARG B 198 -16.97 1.72 31.77
N ALA B 199 -15.63 1.73 31.82
CA ALA B 199 -14.75 2.68 31.11
C ALA B 199 -15.17 2.76 29.64
N HIS B 200 -15.18 1.63 28.93
CA HIS B 200 -15.53 1.52 27.49
C HIS B 200 -16.82 2.30 27.21
N ARG B 201 -17.88 2.03 27.98
CA ARG B 201 -19.22 2.68 27.82
C ARG B 201 -19.04 4.20 27.95
N GLU B 202 -18.33 4.66 28.98
CA GLU B 202 -18.18 6.09 29.32
C GLU B 202 -17.41 6.81 28.20
N ILE B 203 -16.41 6.15 27.61
CA ILE B 203 -15.51 6.74 26.58
C ILE B 203 -16.24 6.76 25.23
N LYS B 204 -16.97 5.70 24.89
CA LYS B 204 -17.82 5.63 23.67
C LYS B 204 -18.77 6.83 23.66
N ASP B 205 -19.36 7.14 24.82
CA ASP B 205 -20.32 8.27 24.99
C ASP B 205 -19.61 9.59 24.67
N ILE B 206 -18.47 9.84 25.33
CA ILE B 206 -17.63 11.06 25.11
C ILE B 206 -17.40 11.24 23.61
N PHE B 207 -16.81 10.24 22.95
CA PHE B 207 -16.53 10.23 21.50
C PHE B 207 -17.82 10.52 20.72
N TYR B 208 -18.91 9.83 21.09
CA TYR B 208 -20.25 9.99 20.46
C TYR B 208 -20.56 11.49 20.30
N LYS B 209 -20.29 12.27 21.35
CA LYS B 209 -20.58 13.73 21.40
C LYS B 209 -19.58 14.47 20.52
N ALA B 210 -18.29 14.42 20.88
CA ALA B 210 -17.17 15.07 20.15
C ALA B 210 -17.33 14.82 18.64
N ILE B 211 -17.89 13.67 18.27
CA ILE B 211 -18.16 13.27 16.85
C ILE B 211 -19.32 14.11 16.30
N GLN B 212 -20.51 13.98 16.90
CA GLN B 212 -21.74 14.70 16.48
C GLN B 212 -21.41 16.19 16.33
N LYS B 213 -20.57 16.71 17.23
CA LYS B 213 -20.06 18.11 17.22
C LYS B 213 -19.39 18.39 15.87
N ARG B 214 -18.35 17.62 15.54
CA ARG B 214 -17.43 17.84 14.40
C ARG B 214 -18.21 17.76 13.08
N ARG B 215 -19.28 16.95 13.03
CA ARG B 215 -20.09 16.72 11.80
C ARG B 215 -20.92 17.98 11.51
N GLN B 216 -21.50 18.58 12.55
CA GLN B 216 -22.36 19.79 12.43
C GLN B 216 -21.47 21.01 12.13
N SER B 217 -20.34 21.12 12.83
CA SER B 217 -19.36 22.23 12.68
C SER B 217 -19.11 22.51 11.20
N GLN B 218 -19.02 23.79 10.82
CA GLN B 218 -18.87 24.24 9.41
C GLN B 218 -17.37 24.35 9.07
N GLU B 219 -16.52 24.53 10.08
CA GLU B 219 -15.05 24.66 9.90
C GLU B 219 -14.47 23.31 9.47
N LYS B 220 -13.55 23.32 8.50
CA LYS B 220 -12.84 22.10 7.99
C LYS B 220 -11.51 21.96 8.73
N ILE B 221 -11.28 20.79 9.34
CA ILE B 221 -10.05 20.50 10.14
C ILE B 221 -9.29 19.34 9.48
N ASP B 222 -7.97 19.51 9.28
CA ASP B 222 -7.08 18.49 8.64
C ASP B 222 -6.41 17.66 9.73
N ASP B 223 -7.18 16.80 10.41
CA ASP B 223 -6.67 15.85 11.43
C ASP B 223 -7.27 14.47 11.19
N ILE B 224 -6.79 13.47 11.94
CA ILE B 224 -7.09 12.02 11.72
C ILE B 224 -8.58 11.77 11.95
N LEU B 225 -9.17 12.40 12.97
CA LEU B 225 -10.62 12.27 13.29
C LEU B 225 -11.43 12.59 12.02
N GLN B 226 -11.10 13.70 11.35
CA GLN B 226 -11.77 14.14 10.10
C GLN B 226 -11.54 13.08 9.01
N THR B 227 -10.29 12.65 8.83
CA THR B 227 -9.87 11.62 7.82
C THR B 227 -10.86 10.46 7.86
N LEU B 228 -11.26 10.03 9.06
CA LEU B 228 -12.18 8.88 9.28
C LEU B 228 -13.61 9.28 8.92
N LEU B 229 -14.02 10.49 9.30
CA LEU B 229 -15.41 11.00 9.13
C LEU B 229 -15.74 11.13 7.64
N ASP B 230 -14.76 11.53 6.83
CA ASP B 230 -14.92 11.72 5.37
C ASP B 230 -14.85 10.36 4.67
N ALA B 231 -14.08 9.42 5.24
CA ALA B 231 -13.72 8.13 4.62
C ALA B 231 -14.95 7.22 4.51
N THR B 232 -15.00 6.38 3.47
CA THR B 232 -16.01 5.32 3.25
C THR B 232 -15.32 4.00 2.87
N TYR B 233 -16.07 2.90 2.90
CA TYR B 233 -15.62 1.56 2.45
C TYR B 233 -15.64 1.52 0.91
N LYS B 234 -14.95 0.54 0.31
CA LYS B 234 -15.06 0.23 -1.15
C LYS B 234 -16.55 0.20 -1.50
N ASP B 235 -17.36 -0.35 -0.61
CA ASP B 235 -18.84 -0.45 -0.72
C ASP B 235 -19.42 0.95 -0.95
N GLY B 236 -18.72 1.99 -0.49
CA GLY B 236 -19.14 3.40 -0.60
C GLY B 236 -19.73 3.91 0.70
N ARG B 237 -20.27 3.00 1.53
CA ARG B 237 -20.88 3.32 2.85
C ARG B 237 -19.84 3.99 3.74
N PRO B 238 -20.22 5.08 4.46
CA PRO B 238 -19.32 5.68 5.44
C PRO B 238 -19.45 5.04 6.83
N LEU B 239 -18.43 5.20 7.67
CA LEU B 239 -18.37 4.61 9.04
C LEU B 239 -19.51 5.18 9.89
N THR B 240 -19.98 4.39 10.87
CA THR B 240 -21.03 4.81 11.84
C THR B 240 -20.39 5.63 12.97
N ASP B 241 -21.22 6.23 13.83
CA ASP B 241 -20.77 6.91 15.08
C ASP B 241 -19.92 5.93 15.89
N ASP B 242 -20.42 4.70 16.07
CA ASP B 242 -19.79 3.64 16.90
C ASP B 242 -18.45 3.22 16.28
N GLU B 243 -18.49 2.69 15.05
CA GLU B 243 -17.30 2.21 14.30
C GLU B 243 -16.13 3.15 14.57
N VAL B 244 -16.35 4.46 14.40
CA VAL B 244 -15.31 5.52 14.52
C VAL B 244 -14.84 5.60 15.98
N ALA B 245 -15.78 5.75 16.92
CA ALA B 245 -15.52 5.74 18.38
C ALA B 245 -14.56 4.59 18.72
N GLY B 246 -14.86 3.40 18.20
CA GLY B 246 -14.07 2.18 18.43
C GLY B 246 -12.65 2.31 17.91
N MET B 247 -12.50 2.85 16.68
CA MET B 247 -11.21 2.97 15.98
C MET B 247 -10.33 4.02 16.69
N LEU B 248 -10.96 5.06 17.23
CA LEU B 248 -10.28 6.10 18.06
C LEU B 248 -9.65 5.43 19.29
N ILE B 249 -10.47 4.69 20.04
CA ILE B 249 -10.04 3.95 21.27
C ILE B 249 -8.79 3.13 20.92
N GLY B 250 -8.94 2.17 20.00
CA GLY B 250 -7.85 1.29 19.56
C GLY B 250 -6.60 2.09 19.24
N LEU B 251 -6.77 3.19 18.50
CA LEU B 251 -5.68 4.13 18.11
C LEU B 251 -4.87 4.51 19.35
N LEU B 252 -5.53 5.02 20.39
CA LEU B 252 -4.86 5.49 21.64
C LEU B 252 -4.12 4.32 22.28
N LEU B 253 -4.82 3.21 22.53
CA LEU B 253 -4.26 2.01 23.20
C LEU B 253 -3.02 1.53 22.43
N ALA B 254 -3.10 1.52 21.10
CA ALA B 254 -2.00 1.12 20.19
C ALA B 254 -0.76 1.99 20.47
N GLY B 255 -0.95 3.31 20.47
CA GLY B 255 0.15 4.30 20.55
C GLY B 255 0.35 4.84 21.96
N GLN B 256 -0.28 4.22 22.96
CA GLN B 256 -0.21 4.68 24.37
C GLN B 256 0.95 3.96 25.08
N HIS B 257 1.16 2.68 24.78
CA HIS B 257 2.04 1.77 25.57
C HIS B 257 3.24 1.34 24.72
N THR B 258 2.99 0.68 23.58
CA THR B 258 4.03 0.22 22.62
C THR B 258 5.12 1.28 22.53
N SER B 259 4.72 2.54 22.33
CA SER B 259 5.64 3.72 22.22
C SER B 259 6.27 4.01 23.58
N SER B 260 5.49 3.98 24.67
CA SER B 260 5.92 4.43 26.03
C SER B 260 7.01 3.50 26.57
N THR B 261 6.67 2.22 26.77
CA THR B 261 7.60 1.18 27.29
C THR B 261 8.94 1.29 26.57
N THR B 262 8.92 1.21 25.23
CA THR B 262 10.10 1.42 24.35
C THR B 262 10.85 2.67 24.81
N SER B 263 10.11 3.74 25.09
CA SER B 263 10.65 5.09 25.47
C SER B 263 11.31 5.01 26.85
N ALA B 264 10.70 4.27 27.78
CA ALA B 264 11.20 4.07 29.16
C ALA B 264 12.49 3.26 29.11
N TRP B 265 12.50 2.17 28.35
CA TRP B 265 13.66 1.24 28.21
C TRP B 265 14.85 1.98 27.59
N MET B 266 14.62 2.71 26.49
CA MET B 266 15.69 3.48 25.80
C MET B 266 16.36 4.41 26.82
N GLY B 267 15.55 5.16 27.58
CA GLY B 267 16.02 6.05 28.65
C GLY B 267 17.11 5.40 29.49
N PHE B 268 16.89 4.15 29.91
CA PHE B 268 17.78 3.39 30.82
C PHE B 268 18.97 2.80 30.04
N PHE B 269 18.78 2.54 28.74
CA PHE B 269 19.84 2.05 27.82
C PHE B 269 20.87 3.16 27.60
N LEU B 270 20.41 4.42 27.65
CA LEU B 270 21.24 5.64 27.43
C LEU B 270 21.84 6.09 28.77
N ALA B 271 21.05 6.01 29.85
CA ALA B 271 21.48 6.37 31.22
C ALA B 271 22.60 5.43 31.66
N ARG B 272 22.71 4.27 31.01
CA ARG B 272 23.78 3.26 31.24
C ARG B 272 24.98 3.59 30.34
N ASP B 273 24.75 3.70 29.03
CA ASP B 273 25.78 4.08 28.03
C ASP B 273 25.86 5.61 27.96
N LYS B 274 26.72 6.22 28.78
CA LYS B 274 26.89 7.69 28.89
C LYS B 274 27.62 8.21 27.65
N THR B 275 28.67 7.50 27.22
CA THR B 275 29.40 7.74 25.94
C THR B 275 28.39 7.97 24.82
N LEU B 276 27.37 7.11 24.75
CA LEU B 276 26.34 7.10 23.68
C LEU B 276 25.36 8.27 23.89
N GLN B 277 24.87 8.45 25.12
CA GLN B 277 23.88 9.51 25.45
C GLN B 277 24.45 10.87 25.06
N LYS B 278 25.77 11.02 25.16
CA LYS B 278 26.49 12.29 24.84
C LYS B 278 26.37 12.54 23.32
N LYS B 279 26.78 11.56 22.51
CA LYS B 279 26.74 11.63 21.02
C LYS B 279 25.31 11.97 20.56
N CYS B 280 24.31 11.41 21.24
CA CYS B 280 22.87 11.63 20.94
C CYS B 280 22.50 13.10 21.14
N TYR B 281 23.06 13.74 22.17
CA TYR B 281 22.82 15.16 22.51
C TYR B 281 23.60 16.07 21.56
N LEU B 282 24.78 15.60 21.12
CA LEU B 282 25.68 16.35 20.20
C LEU B 282 25.17 16.20 18.75
N GLU B 283 24.34 15.19 18.50
CA GLU B 283 23.67 14.98 17.19
C GLU B 283 22.55 16.03 17.04
N GLN B 284 21.92 16.39 18.16
CA GLN B 284 20.81 17.39 18.23
C GLN B 284 21.34 18.74 17.72
N LYS B 285 22.47 19.20 18.27
CA LYS B 285 23.16 20.45 17.85
C LYS B 285 23.59 20.32 16.39
N THR B 286 24.41 19.29 16.09
CA THR B 286 24.95 18.98 14.75
C THR B 286 23.86 19.14 13.69
N VAL B 287 22.68 18.55 13.94
CA VAL B 287 21.59 18.38 12.94
C VAL B 287 20.74 19.66 12.91
N CYS B 288 20.16 20.02 14.06
CA CYS B 288 19.11 21.07 14.19
C CYS B 288 19.76 22.45 14.32
N GLY B 289 21.05 22.49 14.63
CA GLY B 289 21.82 23.73 14.86
C GLY B 289 22.21 23.89 16.32
N GLU B 290 23.17 24.79 16.60
CA GLU B 290 23.76 24.98 17.94
C GLU B 290 22.76 25.67 18.87
N ASN B 291 21.75 26.35 18.29
CA ASN B 291 20.77 27.17 19.06
C ASN B 291 19.60 26.30 19.53
N LEU B 292 19.61 25.00 19.19
CA LEU B 292 18.53 24.04 19.53
C LEU B 292 17.19 24.69 19.21
N PRO B 293 16.93 24.99 17.92
CA PRO B 293 15.66 25.59 17.49
C PRO B 293 14.51 24.61 17.61
N PRO B 294 13.24 25.08 17.60
CA PRO B 294 12.10 24.17 17.61
C PRO B 294 12.24 23.09 16.53
N LEU B 295 11.95 21.84 16.88
CA LEU B 295 12.15 20.67 15.99
C LEU B 295 11.20 20.75 14.80
N THR B 296 11.57 20.13 13.67
CA THR B 296 10.73 19.95 12.45
C THR B 296 10.84 18.51 11.98
N TYR B 297 9.82 18.01 11.26
CA TYR B 297 9.71 16.59 10.83
C TYR B 297 10.91 16.24 9.94
N ASP B 298 11.37 17.21 9.13
CA ASP B 298 12.46 17.01 8.15
C ASP B 298 13.80 16.90 8.88
N GLN B 299 13.92 17.55 10.04
CA GLN B 299 15.09 17.41 10.96
C GLN B 299 15.18 15.94 11.41
N LEU B 300 14.03 15.33 11.70
CA LEU B 300 13.93 13.97 12.30
C LEU B 300 14.67 12.95 11.42
N LYS B 301 14.50 13.04 10.09
CA LYS B 301 15.00 12.02 9.13
C LYS B 301 16.53 12.00 9.15
N ASP B 302 17.18 13.02 9.71
CA ASP B 302 18.66 13.16 9.65
C ASP B 302 19.30 12.78 10.99
N LEU B 303 18.50 12.57 12.03
CA LEU B 303 19.00 12.08 13.34
C LEU B 303 19.17 10.56 13.29
N ASN B 304 20.24 10.09 12.63
CA ASN B 304 20.39 8.64 12.32
C ASN B 304 20.88 7.90 13.56
N LEU B 305 21.59 8.56 14.48
CA LEU B 305 22.02 7.91 15.74
C LEU B 305 20.78 7.60 16.59
N LEU B 306 19.97 8.62 16.88
CA LEU B 306 18.73 8.49 17.71
C LEU B 306 17.78 7.49 17.04
N ASP B 307 17.78 7.44 15.70
CA ASP B 307 16.96 6.50 14.90
C ASP B 307 17.44 5.07 15.13
N ARG B 308 18.77 4.89 15.28
CA ARG B 308 19.42 3.56 15.43
C ARG B 308 19.31 3.09 16.88
N CYS B 309 19.10 4.02 17.82
CA CYS B 309 18.93 3.74 19.27
C CYS B 309 17.51 3.21 19.52
N ILE B 310 16.53 3.74 18.79
CA ILE B 310 15.12 3.27 18.80
C ILE B 310 15.07 1.87 18.17
N LYS B 311 15.78 1.69 17.06
CA LYS B 311 15.82 0.41 16.28
C LYS B 311 16.45 -0.68 17.16
N GLU B 312 17.33 -0.30 18.07
CA GLU B 312 18.09 -1.24 18.96
C GLU B 312 17.24 -1.55 20.19
N THR B 313 16.70 -0.52 20.84
CA THR B 313 15.74 -0.65 21.98
C THR B 313 14.61 -1.61 21.57
N LEU B 314 14.10 -1.45 20.35
CA LEU B 314 13.02 -2.31 19.79
C LEU B 314 13.52 -3.74 19.62
N ARG B 315 14.81 -3.91 19.34
CA ARG B 315 15.43 -5.25 19.05
C ARG B 315 15.47 -6.06 20.34
N LEU B 316 15.75 -5.42 21.47
CA LEU B 316 15.99 -6.09 22.78
C LEU B 316 14.70 -6.07 23.62
N ARG B 317 13.94 -4.98 23.54
CA ARG B 317 12.71 -4.76 24.36
C ARG B 317 11.55 -4.40 23.44
N PRO B 318 11.19 -5.28 22.47
CA PRO B 318 9.98 -5.08 21.67
C PRO B 318 8.73 -5.17 22.55
N PRO B 319 7.82 -4.17 22.50
CA PRO B 319 6.69 -4.11 23.42
C PRO B 319 5.68 -5.24 23.21
N ILE B 320 5.57 -5.73 21.98
CA ILE B 320 4.73 -6.92 21.62
C ILE B 320 5.66 -8.13 21.45
N MET B 321 5.78 -8.96 22.49
CA MET B 321 6.78 -10.06 22.57
C MET B 321 6.30 -11.27 21.76
N ILE B 322 4.99 -11.49 21.67
CA ILE B 322 4.39 -12.71 21.07
C ILE B 322 3.22 -12.34 20.16
N MET B 323 3.21 -12.91 18.96
CA MET B 323 2.11 -12.76 17.96
C MET B 323 1.56 -14.16 17.65
N MET B 324 0.26 -14.36 17.87
CA MET B 324 -0.37 -15.71 17.91
C MET B 324 -1.48 -15.81 16.85
N ARG B 325 -1.65 -17.00 16.27
CA ARG B 325 -2.78 -17.31 15.35
C ARG B 325 -3.39 -18.66 15.74
N MET B 326 -4.68 -18.85 15.43
CA MET B 326 -5.34 -20.18 15.44
C MET B 326 -5.20 -20.79 14.04
N ALA B 327 -4.40 -21.86 13.93
CA ALA B 327 -4.25 -22.65 12.68
C ALA B 327 -5.56 -23.39 12.41
N ARG B 328 -6.34 -22.95 11.41
CA ARG B 328 -7.65 -23.57 11.09
C ARG B 328 -7.46 -24.74 10.13
N THR B 329 -6.34 -24.77 9.40
CA THR B 329 -6.06 -25.79 8.36
C THR B 329 -4.61 -26.26 8.48
N PRO B 330 -4.28 -27.46 7.98
CA PRO B 330 -2.91 -27.97 8.05
C PRO B 330 -1.92 -27.00 7.38
N GLN B 331 -0.72 -26.88 7.95
CA GLN B 331 0.31 -25.88 7.52
C GLN B 331 1.70 -26.53 7.62
N THR B 332 2.47 -26.46 6.54
CA THR B 332 3.81 -27.10 6.41
C THR B 332 4.90 -26.04 6.63
N VAL B 333 5.95 -26.42 7.38
CA VAL B 333 7.16 -25.60 7.64
C VAL B 333 8.27 -26.56 8.10
N ALA B 334 9.51 -26.33 7.64
CA ALA B 334 10.72 -27.07 8.08
C ALA B 334 10.45 -28.58 8.00
N GLY B 335 9.57 -29.00 7.08
CA GLY B 335 9.22 -30.42 6.86
C GLY B 335 8.06 -30.86 7.73
N TYR B 336 7.79 -30.13 8.80
CA TYR B 336 6.73 -30.45 9.80
C TYR B 336 5.38 -29.94 9.31
N THR B 337 4.30 -30.62 9.70
CA THR B 337 2.88 -30.26 9.38
C THR B 337 2.15 -29.91 10.68
N ILE B 338 1.70 -28.66 10.80
CA ILE B 338 0.93 -28.14 11.98
C ILE B 338 -0.55 -28.39 11.73
N PRO B 339 -1.22 -29.25 12.54
CA PRO B 339 -2.64 -29.55 12.33
C PRO B 339 -3.55 -28.45 12.86
N PRO B 340 -4.82 -28.38 12.39
CA PRO B 340 -5.78 -27.41 12.92
C PRO B 340 -5.89 -27.54 14.44
N GLY B 341 -6.24 -26.45 15.13
CA GLY B 341 -6.45 -26.43 16.58
C GLY B 341 -5.24 -25.88 17.33
N HIS B 342 -4.03 -26.18 16.86
CA HIS B 342 -2.75 -25.64 17.41
C HIS B 342 -2.76 -24.12 17.31
N GLN B 343 -2.33 -23.44 18.38
CA GLN B 343 -2.16 -21.96 18.39
C GLN B 343 -0.70 -21.65 18.03
N VAL B 344 -0.49 -21.22 16.77
CA VAL B 344 0.86 -20.96 16.18
C VAL B 344 1.35 -19.59 16.66
N CYS B 345 2.62 -19.49 17.06
CA CYS B 345 3.20 -18.31 17.75
C CYS B 345 4.58 -17.97 17.19
N VAL B 346 4.86 -16.66 17.03
CA VAL B 346 6.21 -16.09 16.74
C VAL B 346 6.60 -15.17 17.89
N SER B 347 7.89 -15.17 18.26
CA SER B 347 8.48 -14.19 19.22
C SER B 347 9.49 -13.30 18.51
N PRO B 348 9.19 -11.98 18.37
CA PRO B 348 10.21 -11.00 17.99
C PRO B 348 11.43 -11.07 18.91
N THR B 349 11.18 -11.06 20.23
CA THR B 349 12.22 -10.99 21.29
C THR B 349 13.27 -12.08 21.07
N VAL B 350 12.83 -13.27 20.64
CA VAL B 350 13.72 -14.45 20.41
C VAL B 350 14.37 -14.34 19.03
N ASN B 351 13.56 -14.07 18.00
CA ASN B 351 14.01 -13.90 16.59
C ASN B 351 15.07 -12.78 16.53
N GLN B 352 14.99 -11.82 17.44
CA GLN B 352 15.74 -10.54 17.37
C GLN B 352 16.95 -10.58 18.32
N ARG B 353 17.31 -11.76 18.81
CA ARG B 353 18.54 -11.96 19.63
C ARG B 353 19.01 -13.42 19.53
N LEU B 354 18.65 -14.09 18.43
CA LEU B 354 19.06 -15.50 18.15
C LEU B 354 20.59 -15.57 18.02
N LYS B 355 21.23 -16.47 18.76
CA LYS B 355 22.71 -16.65 18.75
C LYS B 355 23.20 -16.77 17.30
N ASP B 356 22.39 -17.42 16.45
CA ASP B 356 22.78 -17.82 15.07
C ASP B 356 23.09 -16.60 14.22
N SER B 357 22.31 -15.50 14.35
CA SER B 357 22.32 -14.39 13.37
C SER B 357 22.66 -13.04 14.01
N TRP B 358 22.72 -12.94 15.35
CA TRP B 358 23.07 -11.68 16.05
C TRP B 358 24.41 -11.80 16.76
N VAL B 359 25.43 -11.09 16.25
CA VAL B 359 26.75 -10.90 16.92
C VAL B 359 26.54 -10.07 18.18
N GLU B 360 27.10 -10.50 19.32
CA GLU B 360 26.96 -9.82 20.62
C GLU B 360 25.49 -9.44 20.82
N ARG B 361 24.61 -10.44 20.91
CA ARG B 361 23.14 -10.30 20.76
C ARG B 361 22.58 -9.48 21.91
N LEU B 362 23.13 -9.62 23.12
CA LEU B 362 22.57 -8.99 24.36
C LEU B 362 23.06 -7.55 24.48
N ASP B 363 24.16 -7.19 23.82
CA ASP B 363 24.82 -5.86 23.95
C ASP B 363 24.02 -4.82 23.14
N PHE B 364 23.72 -3.68 23.77
CA PHE B 364 22.99 -2.53 23.18
C PHE B 364 23.94 -1.70 22.32
N ASN B 365 23.96 -1.97 21.01
CA ASN B 365 24.97 -1.43 20.07
C ASN B 365 24.27 -0.87 18.83
N PRO B 366 23.77 0.38 18.88
CA PRO B 366 23.04 0.96 17.75
C PRO B 366 23.82 0.89 16.42
N ASP B 367 25.15 1.00 16.49
CA ASP B 367 26.04 1.11 15.30
C ASP B 367 26.04 -0.21 14.54
N ARG B 368 25.44 -1.26 15.11
CA ARG B 368 25.50 -2.66 14.60
C ARG B 368 24.80 -2.74 13.23
N TYR B 369 23.92 -1.79 12.91
CA TYR B 369 23.10 -1.79 11.68
C TYR B 369 23.87 -1.11 10.54
N LEU B 370 24.96 -0.42 10.87
CA LEU B 370 25.81 0.33 9.90
C LEU B 370 26.73 -0.64 9.16
N GLN B 371 26.55 -1.94 9.40
CA GLN B 371 27.20 -3.05 8.67
C GLN B 371 26.13 -4.04 8.20
N ASP B 372 26.55 -5.14 7.57
CA ASP B 372 25.64 -6.29 7.26
C ASP B 372 25.09 -6.84 8.57
N ASN B 373 23.79 -7.14 8.62
CA ASN B 373 23.07 -7.52 9.86
C ASN B 373 21.74 -8.17 9.51
N PRO B 374 21.17 -9.02 10.41
CA PRO B 374 19.96 -9.77 10.11
C PRO B 374 18.75 -8.90 9.72
N ALA B 375 18.67 -7.68 10.25
CA ALA B 375 17.57 -6.72 9.98
C ALA B 375 17.50 -6.46 8.46
N SER B 376 18.65 -6.19 7.84
CA SER B 376 18.84 -6.09 6.37
C SER B 376 18.98 -7.50 5.78
N GLY B 377 19.82 -8.32 6.40
CA GLY B 377 20.29 -9.62 5.87
C GLY B 377 19.15 -10.59 5.62
N GLU B 378 18.41 -10.94 6.67
CA GLU B 378 17.33 -11.96 6.64
C GLU B 378 15.97 -11.25 6.50
N LYS B 379 14.93 -12.00 6.09
CA LYS B 379 13.56 -11.47 5.88
C LYS B 379 12.96 -11.09 7.23
N PHE B 380 12.82 -12.06 8.14
CA PHE B 380 11.95 -11.96 9.35
C PHE B 380 12.76 -12.16 10.64
N ALA B 381 14.06 -11.87 10.62
CA ALA B 381 14.92 -11.89 11.83
C ALA B 381 14.53 -10.72 12.74
N TYR B 382 14.19 -9.59 12.15
CA TYR B 382 13.83 -8.32 12.84
C TYR B 382 12.40 -7.93 12.47
N VAL B 383 11.47 -7.94 13.43
CA VAL B 383 10.00 -7.81 13.16
C VAL B 383 9.29 -7.25 14.38
N PRO B 384 9.74 -6.12 14.97
CA PRO B 384 9.02 -5.52 16.10
C PRO B 384 7.64 -4.95 15.71
N PHE B 385 7.42 -4.73 14.42
CA PHE B 385 6.12 -4.30 13.84
C PHE B 385 5.56 -5.43 12.95
N GLY B 386 5.99 -6.66 13.22
CA GLY B 386 5.51 -7.88 12.54
C GLY B 386 5.69 -7.81 11.04
N ALA B 387 4.79 -8.44 10.28
CA ALA B 387 4.80 -8.50 8.81
C ALA B 387 3.48 -9.10 8.30
N GLY B 388 3.23 -9.00 7.00
CA GLY B 388 2.04 -9.58 6.34
C GLY B 388 0.78 -8.80 6.66
N ARG B 389 -0.38 -9.44 6.55
CA ARG B 389 -1.72 -8.79 6.55
C ARG B 389 -2.00 -8.14 7.91
N HIS B 390 -1.27 -8.56 8.96
CA HIS B 390 -1.51 -8.15 10.37
C HIS B 390 -0.45 -7.15 10.83
N ARG B 391 0.50 -6.80 9.96
CA ARG B 391 1.65 -5.92 10.28
C ARG B 391 1.13 -4.54 10.72
N CYS B 392 1.97 -3.76 11.38
CA CYS B 392 1.63 -2.47 12.05
C CYS B 392 1.39 -1.37 11.00
N ILE B 393 0.54 -0.40 11.32
CA ILE B 393 0.28 0.81 10.47
C ILE B 393 0.88 2.04 11.17
N GLY B 394 1.20 1.91 12.46
CA GLY B 394 1.59 3.03 13.32
C GLY B 394 3.09 3.09 13.56
N GLU B 395 3.87 2.35 12.78
CA GLU B 395 5.36 2.36 12.83
C GLU B 395 5.86 3.81 12.73
N ASN B 396 5.42 4.53 11.68
CA ASN B 396 5.99 5.83 11.27
C ASN B 396 5.60 6.92 12.28
N PHE B 397 4.37 6.87 12.81
CA PHE B 397 3.90 7.79 13.88
C PHE B 397 4.75 7.58 15.13
N ALA B 398 4.93 6.31 15.51
CA ALA B 398 5.64 5.89 16.75
C ALA B 398 7.06 6.47 16.76
N TYR B 399 7.79 6.30 15.66
CA TYR B 399 9.16 6.87 15.47
C TYR B 399 9.11 8.40 15.67
N VAL B 400 8.17 9.06 14.99
CA VAL B 400 7.98 10.54 15.07
C VAL B 400 7.83 10.92 16.55
N GLN B 401 6.91 10.24 17.25
CA GLN B 401 6.55 10.55 18.66
C GLN B 401 7.74 10.28 19.59
N ILE B 402 8.34 9.09 19.50
CA ILE B 402 9.50 8.69 20.35
C ILE B 402 10.64 9.67 20.12
N LYS B 403 11.06 9.84 18.86
CA LYS B 403 12.17 10.75 18.46
C LYS B 403 11.91 12.16 19.02
N THR B 404 10.74 12.74 18.70
CA THR B 404 10.36 14.12 19.10
C THR B 404 10.48 14.25 20.62
N ILE B 405 9.84 13.34 21.36
CA ILE B 405 9.79 13.36 22.86
C ILE B 405 11.23 13.31 23.39
N TRP B 406 12.02 12.32 22.93
CA TRP B 406 13.36 12.02 23.47
C TRP B 406 14.36 13.09 23.03
N SER B 407 14.19 13.63 21.83
CA SER B 407 14.92 14.83 21.34
C SER B 407 14.70 15.99 22.32
N THR B 408 13.44 16.24 22.69
CA THR B 408 13.02 17.32 23.63
C THR B 408 13.54 17.01 25.03
N MET B 409 13.63 15.73 25.39
CA MET B 409 14.05 15.26 26.74
C MET B 409 15.58 15.37 26.87
N LEU B 410 16.31 14.93 25.84
CA LEU B 410 17.78 15.04 25.76
C LEU B 410 18.20 16.51 25.94
N ARG B 411 17.51 17.41 25.23
CA ARG B 411 17.76 18.88 25.27
C ARG B 411 17.58 19.38 26.71
N LEU B 412 16.61 18.82 27.43
CA LEU B 412 16.18 19.31 28.77
C LEU B 412 17.12 18.75 29.85
N TYR B 413 17.42 17.45 29.83
CA TYR B 413 18.03 16.72 30.96
C TYR B 413 19.16 15.80 30.51
N GLU B 414 20.03 15.43 31.46
CA GLU B 414 21.02 14.32 31.36
C GLU B 414 20.60 13.22 32.34
N PHE B 415 20.52 11.98 31.86
CA PHE B 415 19.86 10.84 32.57
C PHE B 415 20.92 9.86 33.08
N ASP B 416 20.77 9.41 34.33
CA ASP B 416 21.76 8.55 35.05
C ASP B 416 21.02 7.41 35.78
N LEU B 417 21.66 6.24 35.87
CA LEU B 417 21.19 5.10 36.70
C LEU B 417 21.31 5.49 38.18
N ILE B 418 20.52 4.86 39.06
CA ILE B 418 20.54 5.09 40.53
C ILE B 418 21.31 3.93 41.19
N ASP B 419 22.55 4.20 41.64
CA ASP B 419 23.50 3.18 42.15
C ASP B 419 23.71 2.11 41.07
N GLY B 420 23.74 2.51 39.80
CA GLY B 420 24.07 1.65 38.66
C GLY B 420 23.02 0.57 38.44
N TYR B 421 21.86 0.69 39.08
CA TYR B 421 20.73 -0.25 38.97
C TYR B 421 20.08 -0.14 37.58
N PHE B 422 20.21 -1.18 36.76
CA PHE B 422 19.45 -1.34 35.49
C PHE B 422 18.20 -2.16 35.75
N PRO B 423 17.00 -1.63 35.43
CA PRO B 423 15.74 -2.36 35.65
C PRO B 423 15.72 -3.74 35.00
N THR B 424 15.31 -4.77 35.76
CA THR B 424 14.99 -6.13 35.24
C THR B 424 13.60 -6.10 34.60
N VAL B 425 13.27 -7.13 33.82
CA VAL B 425 11.96 -7.26 33.12
C VAL B 425 10.93 -7.81 34.11
N ASN B 426 9.70 -7.28 34.06
CA ASN B 426 8.56 -7.72 34.92
C ASN B 426 7.54 -8.45 34.05
N TYR B 427 7.56 -9.80 34.07
CA TYR B 427 6.86 -10.69 33.11
C TYR B 427 5.44 -10.99 33.58
N THR B 428 4.90 -10.20 34.51
CA THR B 428 3.56 -10.45 35.11
C THR B 428 2.50 -9.62 34.37
N THR B 429 2.87 -8.41 33.91
CA THR B 429 2.03 -7.54 33.06
C THR B 429 1.96 -8.14 31.65
N MET B 430 0.93 -7.77 30.87
CA MET B 430 0.75 -8.24 29.47
C MET B 430 1.84 -7.61 28.58
N ILE B 431 2.10 -6.32 28.74
CA ILE B 431 3.30 -5.64 28.17
C ILE B 431 4.38 -5.58 29.25
N HIS B 432 5.54 -6.20 28.98
CA HIS B 432 6.66 -6.38 29.95
C HIS B 432 7.19 -5.00 30.36
N THR B 433 7.12 -4.68 31.66
CA THR B 433 7.43 -3.35 32.25
C THR B 433 8.74 -3.42 33.03
N PRO B 434 9.51 -2.33 33.09
CA PRO B 434 10.78 -2.31 33.83
C PRO B 434 10.56 -2.18 35.34
N GLU B 435 11.05 -3.16 36.11
CA GLU B 435 10.93 -3.14 37.60
C GLU B 435 11.64 -1.89 38.13
N ASN B 436 10.97 -1.15 39.02
CA ASN B 436 11.54 0.03 39.71
C ASN B 436 12.12 0.99 38.67
N PRO B 437 11.29 1.56 37.78
CA PRO B 437 11.77 2.49 36.76
C PRO B 437 11.92 3.93 37.24
N VAL B 438 12.68 4.14 38.33
CA VAL B 438 13.02 5.48 38.87
C VAL B 438 14.40 5.89 38.35
N ILE B 439 14.50 7.04 37.68
CA ILE B 439 15.75 7.50 37.00
C ILE B 439 16.26 8.78 37.68
N ARG B 440 17.58 8.96 37.69
CA ARG B 440 18.26 10.21 38.15
C ARG B 440 18.46 11.14 36.95
N TYR B 441 18.10 12.42 37.11
CA TYR B 441 18.18 13.44 36.03
C TYR B 441 18.67 14.77 36.63
N LYS B 442 19.23 15.62 35.78
CA LYS B 442 19.69 17.00 36.11
C LYS B 442 19.61 17.88 34.86
N ARG B 443 19.58 19.20 35.03
CA ARG B 443 19.50 20.16 33.90
C ARG B 443 20.71 19.94 32.98
N ARG B 444 20.47 19.80 31.67
CA ARG B 444 21.50 19.51 30.64
C ARG B 444 22.43 20.72 30.49
N SER B 445 23.71 20.49 30.18
CA SER B 445 24.78 21.51 30.09
C SER B 445 24.55 22.60 31.14
CHA HEM C . -8.72 6.04 -17.67
CHB HEM C . -4.64 3.47 -17.29
CHC HEM C . -6.93 -0.43 -19.09
CHD HEM C . -10.95 2.21 -19.62
C1A HEM C . -7.42 5.67 -17.42
C2A HEM C . -6.44 6.52 -16.88
C3A HEM C . -5.29 5.80 -16.77
C4A HEM C . -5.55 4.50 -17.25
CMA HEM C . -3.97 6.30 -16.24
CAA HEM C . -6.62 7.96 -16.49
CBA HEM C . -6.57 8.85 -17.74
CGA HEM C . -6.51 10.30 -17.35
O1A HEM C . -6.59 11.18 -18.23
O2A HEM C . -6.38 10.62 -16.14
C1B HEM C . -4.97 2.20 -17.75
C2B HEM C . -4.01 1.14 -17.73
C3B HEM C . -4.63 0.04 -18.22
C4B HEM C . -6.00 0.46 -18.55
CMB HEM C . -2.59 1.26 -17.24
CAB HEM C . -4.05 -1.31 -18.42
CBB HEM C . -2.77 -1.55 -18.11
C1C HEM C . -8.23 -0.06 -19.40
C2C HEM C . -9.23 -0.93 -19.87
C3C HEM C . -10.38 -0.18 -20.02
C4C HEM C . -10.07 1.16 -19.63
CMC HEM C . -9.06 -2.40 -20.15
CAC HEM C . -11.70 -0.64 -20.49
CBC HEM C . -11.92 -1.92 -20.74
C1D HEM C . -10.61 3.45 -19.12
C2D HEM C . -11.63 4.52 -19.05
C3D HEM C . -11.01 5.60 -18.53
C4D HEM C . -9.64 5.17 -18.24
CMD HEM C . -13.06 4.44 -19.50
CAD HEM C . -11.66 6.92 -18.21
CBD HEM C . -11.02 8.09 -18.98
CGD HEM C . -11.56 9.38 -18.44
O1D HEM C . -11.21 10.48 -18.94
O2D HEM C . -12.39 9.37 -17.49
NA HEM C . -6.86 4.43 -17.65
NB HEM C . -6.13 1.75 -18.23
NC HEM C . -8.75 1.20 -19.26
ND HEM C . -9.45 3.89 -18.62
FE HEM C . -7.87 2.92 -18.45
C4 PJM D . 1.45 15.20 -26.21
C5 PJM D . 2.52 16.03 -25.86
C6 PJM D . 3.75 15.46 -25.50
N1 PJM D . 3.90 14.08 -25.45
N3 PJM D . 1.59 13.86 -26.16
F5 PJM D . 2.38 17.37 -25.90
C2 PJM D . 2.80 13.27 -25.78
CBQ PJM D . 0.21 15.72 -26.56
CAX PJM D . -0.87 14.84 -26.58
CAV PJM D . 0.03 17.06 -26.86
CBI PJM D . -1.24 17.53 -27.19
FAC PJM D . -1.41 18.85 -27.47
CAU PJM D . -2.33 16.66 -27.21
CBP PJM D . -2.13 15.31 -26.94
CBT PJM D . -3.17 14.50 -26.91
OBF PJM D . -3.12 13.31 -26.40
NBD PJM D . -4.43 14.82 -27.23
NBC PJM D . -5.12 13.90 -27.02
CBS PJM D . -4.37 12.93 -26.49
CBN PJM D . -4.76 11.72 -26.13
CAO PJM D . -3.79 10.73 -26.04
CAK PJM D . -4.15 9.44 -25.66
CAN PJM D . -6.08 11.42 -25.82
CAJ PJM D . -6.45 10.13 -25.44
CBL PJM D . -5.47 9.14 -25.36
CBG PJM D . -5.71 7.82 -24.99
OAA PJM D . -4.84 6.97 -25.16
NBE PJM D . -6.92 7.52 -24.48
CBV PJM D . -7.13 6.14 -24.01
CAY PJM D . -6.50 6.05 -22.63
NBW PJM D . -6.75 4.74 -22.00
CAR PJM D . -6.46 3.50 -22.38
CAF PJM D . -6.88 2.68 -21.42
NAZ PJM D . -7.41 3.40 -20.44
CAT PJM D . -7.32 4.68 -20.81
CBR PJM D . -8.47 5.81 -23.93
CBK PJM D . -8.92 4.71 -24.65
CLA PJM D . -7.85 3.81 -25.65
CAW PJM D . -10.25 4.34 -24.58
CAQ PJM D . -9.32 6.53 -23.10
CAP PJM D . -10.66 6.16 -23.04
CBO PJM D . -11.11 5.08 -23.78
CBM PJM D . -12.44 4.72 -23.69
CAL PJM D . -12.87 3.50 -24.22
CAH PJM D . -14.21 3.16 -24.11
CBH PJM D . -15.10 4.02 -23.47
FAB PJM D . -16.41 3.68 -23.36
CAI PJM D . -14.66 5.22 -22.94
CAM PJM D . -13.32 5.57 -23.04
C1 DXC E . -5.74 36.63 -45.56
C2 DXC E . -6.41 35.28 -45.49
C3 DXC E . -7.31 35.28 -44.28
C4 DXC E . -6.45 35.18 -43.03
C5 DXC E . -5.06 35.75 -43.29
C6 DXC E . -4.93 36.89 -44.32
C7 DXC E . -8.31 34.15 -44.40
C8 DXC E . -7.52 32.86 -44.44
C9 DXC E . -7.05 32.62 -43.03
C10 DXC E . -6.20 33.76 -42.47
C11 DXC E . -6.23 31.36 -43.04
C12 DXC E . -5.43 31.19 -41.77
C13 DXC E . -4.31 32.22 -41.78
C14 DXC E . -4.73 33.40 -42.66
C15 DXC E . -7.08 30.10 -43.04
C16 DXC E . -6.08 29.03 -42.65
C17 DXC E . -4.94 29.74 -41.93
C18 DXC E . -7.12 35.99 -41.93
C19 DXC E . -4.67 29.03 -40.59
O1 DXC E . -3.11 31.64 -42.31
O2 DXC E . -4.87 36.66 -46.69
C20 DXC E . -6.32 31.36 -40.54
C21 DXC E . -4.93 27.54 -40.83
C22 DXC E . -4.05 26.60 -39.99
C23 DXC E . -4.64 26.50 -38.59
O3 DXC E . -5.86 26.28 -38.53
O4 DXC E . -3.83 26.44 -37.64
C24 DXC E . -3.22 29.29 -40.15
C1 DXC F . -1.37 29.76 -44.79
C2 DXC F . -2.81 29.42 -45.10
C3 DXC F . -2.89 28.80 -46.48
C4 DXC F . -2.30 29.71 -47.57
C5 DXC F . -0.95 30.28 -47.12
C6 DXC F . -1.00 30.87 -45.72
C7 DXC F . -4.35 28.48 -46.77
C8 DXC F . -5.08 29.80 -46.72
C9 DXC F . -4.72 30.52 -47.99
C10 DXC F . -3.23 30.85 -48.05
C11 DXC F . -5.51 31.82 -48.00
C12 DXC F . -4.83 32.85 -48.86
C13 DXC F . -3.56 33.32 -48.15
C14 DXC F . -2.99 32.16 -47.33
C15 DXC F . -6.86 31.66 -48.68
C16 DXC F . -7.21 33.09 -49.08
C17 DXC F . -5.93 33.91 -48.94
C18 DXC F . -2.01 28.84 -48.79
C19 DXC F . -5.79 34.81 -50.17
O1 DXC F . -3.85 34.44 -47.29
O2 DXC F . -1.24 30.17 -43.42
C20 DXC F . -4.51 32.29 -50.25
C21 DXC F . -6.82 35.94 -50.09
C22 DXC F . -8.14 35.59 -50.80
C23 DXC F . -8.06 36.05 -52.25
O3 DXC F . -8.78 35.44 -53.06
O4 DXC F . -7.38 37.07 -52.49
C24 DXC F . -4.39 35.43 -50.21
C1 DXC G . 3.97 29.29 -44.86
C2 DXC G . 3.24 29.48 -46.18
C3 DXC G . 4.27 29.90 -47.22
C4 DXC G . 4.63 31.36 -46.99
C5 DXC G . 4.65 31.58 -45.47
C6 DXC G . 5.08 30.30 -44.75
C7 DXC G . 3.74 29.67 -48.61
C8 DXC G . 2.46 30.46 -48.71
C9 DXC G . 2.86 31.89 -48.83
C10 DXC G . 3.67 32.39 -47.62
C11 DXC G . 1.57 32.68 -48.93
C12 DXC G . 1.78 34.13 -48.57
C13 DXC G . 2.02 34.22 -47.07
C14 DXC G . 2.71 32.95 -46.57
C15 DXC G . 1.05 32.77 -50.35
C16 DXC G . 0.10 33.95 -50.29
C17 DXC G . 0.43 34.71 -49.00
C18 DXC G . 6.03 31.62 -47.55
C19 DXC G . 0.50 36.21 -49.32
O1 DXC G . 0.76 34.32 -46.39
O2 DXC G . 3.05 29.44 -43.77
C20 DXC G . 2.94 34.75 -49.36
C21 DXC G . -0.87 36.65 -49.85
C22 DXC G . -0.78 38.03 -50.50
C23 DXC G . -2.05 38.22 -51.32
O3 DXC G . -2.33 37.32 -52.13
O4 DXC G . -2.69 39.27 -51.14
C24 DXC G . 0.83 37.02 -48.06
C1 DXC H . 2.63 24.38 -49.29
C2 DXC H . 1.36 23.55 -49.47
C3 DXC H . 0.68 23.24 -48.14
C4 DXC H . 0.23 24.55 -47.48
C5 DXC H . 1.22 25.66 -47.80
C6 DXC H . 2.61 25.08 -47.96
C7 DXC H . 1.61 22.36 -47.33
C8 DXC H . 1.94 22.89 -45.95
C9 DXC H . 0.66 23.31 -45.28
C10 DXC H . 0.01 24.51 -45.96
C11 DXC H . 1.06 23.69 -43.86
C12 DXC H . 0.12 24.69 -43.26
C13 DXC H . 0.28 26.02 -43.95
C14 DXC H . 0.56 25.82 -45.43
C15 DXC H . 0.96 22.53 -42.89
C16 DXC H . 0.76 23.20 -41.53
C17 DXC H . 0.68 24.69 -41.84
C18 DXC H . -1.12 24.93 -48.11
C19 DXC H . -0.22 25.43 -40.85
O1 DXC H . 1.40 26.72 -43.36
O2 DXC H . 3.78 23.54 -49.37
C20 DXC H . -1.33 24.18 -43.30
C21 DXC H . 0.66 26.34 -39.98
C22 DXC H . 0.60 25.82 -38.54
C23 DXC H . -0.45 26.65 -37.81
O3 DXC H . -1.32 26.03 -37.17
O4 DXC H . -0.40 27.89 -37.96
C24 DXC H . -1.27 26.26 -41.58
C1 DXC I . 3.31 23.86 -35.79
C2 DXC I . 3.38 22.97 -37.02
C3 DXC I . 4.83 22.63 -37.33
C4 DXC I . 5.54 23.88 -37.86
C5 DXC I . 4.78 25.09 -37.35
C6 DXC I . 4.40 24.91 -35.88
C7 DXC I . 4.88 21.49 -38.32
C8 DXC I . 4.22 21.97 -39.58
C9 DXC I . 5.25 22.80 -40.27
C10 DXC I . 5.68 24.00 -39.40
C11 DXC I . 4.64 23.30 -41.57
C12 DXC I . 5.47 24.43 -42.13
C13 DXC I . 5.23 25.66 -41.27
C14 DXC I . 4.89 25.24 -39.84
C15 DXC I . 4.72 22.27 -42.68
C16 DXC I . 4.74 23.10 -43.97
C17 DXC I . 4.94 24.55 -43.55
C18 DXC I . 6.94 23.90 -37.25
C19 DXC I . 5.99 25.24 -44.42
O1 DXC I . 4.12 26.42 -41.80
O2 DXC I . 2.03 24.51 -35.72
C20 DXC I . 6.95 24.04 -42.15
C21 DXC I . 5.72 25.10 -45.93
C22 DXC I . 7.07 25.26 -46.64
C23 DXC I . 7.20 24.21 -47.73
O3 DXC I . 8.24 24.24 -48.42
O4 DXC I . 6.35 23.29 -47.72
C24 DXC I . 6.06 26.73 -44.08
C1 DXC J . -14.18 29.48 -51.28
C2 DXC J . -13.27 30.57 -51.80
C3 DXC J . -12.27 31.06 -50.74
C4 DXC J . -11.35 29.93 -50.31
C5 DXC J . -12.09 28.60 -50.30
C6 DXC J . -13.58 28.77 -50.08
C7 DXC J . -12.98 31.68 -49.54
C8 DXC J . -13.21 30.67 -48.41
C9 DXC J . -11.87 30.25 -47.85
C10 DXC J . -10.79 30.30 -48.94
C11 DXC J . -11.98 28.86 -47.27
C12 DXC J . -10.66 28.48 -46.70
C13 DXC J . -9.71 28.20 -47.84
C14 DXC J . -9.51 29.48 -48.65
C15 DXC J . -12.89 28.79 -46.04
C16 DXC J . -12.26 27.73 -45.15
C17 DXC J . -11.01 27.25 -45.89
C18 DXC J . -10.19 29.86 -51.29
C19 DXC J . -9.86 26.91 -44.94
O1 DXC J . -10.26 27.17 -48.68
O2 DXC J . -15.44 30.05 -50.90
C20 DXC J . -10.12 29.58 -45.78
C21 DXC J . -10.36 26.83 -43.50
C22 DXC J . -9.84 25.57 -42.81
C23 DXC J . -10.82 24.46 -43.10
O3 DXC J . -11.86 24.40 -42.40
O4 DXC J . -10.53 23.68 -44.03
C24 DXC J . -9.23 25.60 -45.38
C1 DXC K . 11.99 18.00 -36.16
C2 DXC K . 10.58 17.47 -36.10
C3 DXC K . 9.64 18.64 -35.87
C4 DXC K . 9.84 19.18 -34.46
C5 DXC K . 11.15 18.64 -33.90
C6 DXC K . 12.33 18.70 -34.87
C7 DXC K . 8.22 18.16 -36.08
C8 DXC K . 8.04 17.05 -35.09
C9 DXC K . 7.73 17.71 -33.79
C10 DXC K . 8.73 18.84 -33.42
C11 DXC K . 7.68 16.59 -32.78
C12 DXC K . 7.65 17.08 -31.36
C13 DXC K . 9.03 17.63 -31.06
C14 DXC K . 9.49 18.67 -32.08
C15 DXC K . 6.36 15.83 -32.88
C16 DXC K . 6.23 15.15 -31.53
C17 DXC K . 7.33 15.76 -30.67
C18 DXC K . 9.93 20.70 -34.56
C19 DXC K . 6.82 15.87 -29.22
O1 DXC K . 9.97 16.54 -31.05
O2 DXC K . 12.90 16.90 -36.34
C20 DXC K . 6.56 18.14 -31.13
C21 DXC K . 6.93 14.49 -28.59
C22 DXC K . 6.07 14.36 -27.33
C23 DXC K . 6.38 13.01 -26.70
O3 DXC K . 7.59 12.66 -26.71
O4 DXC K . 5.42 12.38 -26.21
C24 DXC K . 7.65 16.89 -28.42
C1 DXC L . -4.81 17.24 -55.09
C2 DXC L . -3.42 17.10 -54.46
C3 DXC L . -3.19 18.21 -53.45
C4 DXC L . -4.16 18.03 -52.31
C5 DXC L . -5.59 17.94 -52.82
C6 DXC L . -5.69 18.19 -54.33
C7 DXC L . -3.34 19.57 -54.13
C8 DXC L . -4.38 20.50 -53.48
C9 DXC L . -4.24 20.53 -51.97
C10 DXC L . -3.95 19.18 -51.33
C11 DXC L . -5.56 21.00 -51.39
C12 DXC L . -5.40 21.37 -49.94
C13 DXC L . -4.81 20.20 -49.19
C14 DXC L . -4.84 18.98 -50.10
C15 DXC L . -6.11 22.31 -51.94
C16 DXC L . -7.14 22.67 -50.86
C17 DXC L . -6.88 21.64 -49.74
C18 DXC L . -3.82 16.73 -51.59
C19 DXC L . -7.25 22.19 -48.36
O1 DXC L . -5.57 19.95 -48.00
O2 DXC L . -4.65 17.71 -56.44
C20 DXC L . -4.55 22.64 -49.76
C21 DXC L . -8.48 23.10 -48.49
C22 DXC L . -9.65 22.58 -47.65
C23 DXC L . -10.52 21.71 -48.55
O3 DXC L . -9.94 20.75 -49.12
O4 DXC L . -11.74 21.97 -48.60
C24 DXC L . -7.59 21.02 -47.44
C4 PJM M . -3.48 39.86 -41.04
C5 PJM M . -3.49 40.97 -41.88
C6 PJM M . -4.48 41.93 -41.74
N1 PJM M . -5.48 41.74 -40.79
N3 PJM M . -4.48 39.64 -40.17
F5 PJM M . -2.51 41.14 -42.81
C2 PJM M . -5.49 40.59 -40.00
CBQ PJM M . -2.58 38.83 -41.25
CAX PJM M . -2.68 37.75 -40.40
CAV PJM M . -1.78 38.78 -42.38
CBI PJM M . -0.98 37.67 -42.63
FAC PJM M . -0.14 37.65 -43.71
CAU PJM M . -1.03 36.60 -41.75
CBP PJM M . -1.86 36.68 -40.64
CBT PJM M . -2.00 35.66 -39.83
OBF PJM M . -1.12 34.75 -39.67
NBD PJM M . -3.16 35.37 -39.26
NBC PJM M . -3.04 34.45 -38.72
CBS PJM M . -1.85 33.94 -39.03
CBN PJM M . -1.39 32.91 -38.34
CAO PJM M . -1.42 33.15 -36.98
CAK PJM M . -1.05 32.14 -36.13
CAN PJM M . -1.06 31.69 -38.89
CAJ PJM M . -0.68 30.66 -38.03
CBL PJM M . -0.68 30.91 -36.66
CBG PJM M . -0.37 29.98 -35.69
OAA PJM M . 0.64 29.29 -35.75
NBE PJM M . -1.14 30.16 -34.60
CBV PJM M . -0.84 29.55 -33.30
CAY PJM M . -0.43 28.08 -33.50
NBW PJM M . -1.61 27.17 -33.59
CAR PJM M . -2.82 27.43 -34.06
CAF PJM M . -3.56 26.33 -33.96
NAZ PJM M . -2.79 25.37 -33.45
CAT PJM M . -1.59 25.89 -33.22
CBR PJM M . 0.15 30.32 -32.69
CBK PJM M . 0.72 29.96 -31.47
CLA PJM M . 0.25 28.49 -30.71
CAW PJM M . 1.69 30.76 -30.88
CAQ PJM M . 0.54 31.52 -33.26
CAP PJM M . 1.51 32.33 -32.67
CBO PJM M . 2.07 31.96 -31.46
CBM PJM M . 3.08 32.75 -30.90
CAL PJM M . 3.43 32.65 -29.55
CAH PJM M . 4.45 33.43 -29.04
CBH PJM M . 5.17 34.30 -29.86
FAB PJM M . 6.17 35.06 -29.35
CAI PJM M . 4.83 34.39 -31.21
CAM PJM M . 3.80 33.61 -31.73
CHA HEM N . -0.06 -4.40 14.31
CHB HEM N . 3.93 -3.42 16.89
CHC HEM N . 2.46 1.19 17.37
CHD HEM N . -1.66 0.11 15.07
C1A HEM N . 1.16 -4.51 14.95
C2A HEM N . 1.93 -5.69 15.01
C3A HEM N . 3.04 -5.43 15.75
C4A HEM N . 2.97 -4.07 16.14
CMA HEM N . 4.14 -6.41 16.07
CAA HEM N . 1.57 -7.02 14.40
CBA HEM N . 0.61 -7.77 15.34
CGA HEM N . 0.48 -9.20 14.91
O1A HEM N . -0.26 -9.98 15.54
O2A HEM N . 1.10 -9.62 13.90
C1B HEM N . 3.83 -2.07 17.21
C2B HEM N . 4.88 -1.40 17.91
C3B HEM N . 4.49 -0.10 18.05
C4B HEM N . 3.16 -0.01 17.40
CMB HEM N . 6.16 -2.03 18.37
CAB HEM N . 5.21 1.01 18.69
CBB HEM N . 6.43 0.85 19.19
C1C HEM N . 1.21 1.31 16.79
C2C HEM N . 0.50 2.51 16.63
C3C HEM N . -0.68 2.20 15.97
C4C HEM N . -0.66 0.79 15.73
CMC HEM N . 0.95 3.86 17.11
CAC HEM N . -1.75 3.13 15.57
CBC HEM N . -1.63 4.44 15.74
C1D HEM N . -1.49 -1.22 14.68
C2D HEM N . -2.52 -1.87 13.87
C3D HEM N . -2.08 -3.13 13.66
C4D HEM N . -0.78 -3.22 14.33
CMD HEM N . -3.81 -1.27 13.37
CAD HEM N . -2.76 -4.21 12.86
CBD HEM N . -3.22 -5.37 13.76
CGD HEM N . -3.73 -6.49 12.91
O1D HEM N . -4.16 -7.55 13.44
O2D HEM N . -3.74 -6.39 11.66
NA HEM N . 1.81 -3.52 15.66
NB HEM N . 2.83 -1.22 16.93
NC HEM N . 0.50 0.27 16.24
ND HEM N . -0.48 -2.06 14.93
FE HEM N . 1.07 -1.71 15.90
C4 PJM O . -1.08 -15.49 26.35
C5 PJM O . -0.44 -16.67 26.76
C6 PJM O . 0.81 -16.60 27.36
N1 PJM O . 1.44 -15.37 27.56
N3 PJM O . -0.48 -14.30 26.52
F5 PJM O . -1.05 -17.86 26.56
C2 PJM O . 0.78 -14.21 27.13
CBQ PJM O . -2.32 -15.50 25.74
CAX PJM O . -2.79 -14.31 25.20
CAV PJM O . -3.09 -16.65 25.65
CBI PJM O . -4.34 -16.61 25.03
FAC PJM O . -5.10 -17.75 24.94
CAU PJM O . -4.81 -15.42 24.49
CBP PJM O . -4.04 -14.26 24.58
CBT PJM O . -4.47 -13.12 24.06
OBF PJM O . -3.68 -12.09 23.84
NBD PJM O . -5.69 -12.88 23.61
NBC PJM O . -5.72 -11.77 23.17
CBS PJM O . -4.50 -11.24 23.26
CBN PJM O . -4.14 -10.02 22.90
CAO PJM O . -2.94 -9.55 23.39
CAK PJM O . -2.48 -8.29 23.04
CAN PJM O . -4.89 -9.24 22.02
CAJ PJM O . -4.45 -7.97 21.66
CBL PJM O . -3.24 -7.50 22.18
CBG PJM O . -2.71 -6.25 21.87
OAA PJM O . -1.73 -5.85 22.47
NBE PJM O . -3.29 -5.57 20.89
CBV PJM O . -2.64 -4.30 20.49
CAY PJM O . -1.41 -4.66 19.67
NBW PJM O . -0.76 -3.46 19.13
CAR PJM O . -0.31 -2.38 19.78
CAF PJM O . 0.20 -1.55 18.86
NAZ PJM O . 0.07 -2.11 17.67
CAT PJM O . -0.53 -3.30 17.83
CBR PJM O . -3.51 -3.57 19.71
CBK PJM O . -3.87 -2.29 20.12
CLA PJM O . -3.25 -1.62 21.57
CAW PJM O . -4.74 -1.55 19.33
CAQ PJM O . -4.01 -4.12 18.53
CAP PJM O . -4.88 -3.37 17.76
CBO PJM O . -5.24 -2.10 18.16
CBM PJM O . -6.12 -1.38 17.37
CAL PJM O . -6.46 -0.08 17.72
CAH PJM O . -7.36 0.62 16.93
CBH PJM O . -7.92 0.01 15.82
FAB PJM O . -8.80 0.69 15.04
CAI PJM O . -7.57 -1.28 15.48
CAM PJM O . -6.67 -1.99 16.26
#